data_4LUH
#
_entry.id   4LUH
#
_cell.length_a   118.530
_cell.length_b   118.530
_cell.length_c   120.570
_cell.angle_alpha   90.00
_cell.angle_beta   90.00
_cell.angle_gamma   120.00
#
_symmetry.space_group_name_H-M   'P 32 2 1'
#
loop_
_entity.id
_entity.type
_entity.pdbx_description
1 polymer 'Serum albumin'
2 non-polymer '2-HYDROXY-3,5-DIIODO-BENZOIC ACID'
3 non-polymer 'SUCCINIC ACID'
4 non-polymer 'MALONATE ION'
5 non-polymer 'ACETATE ION'
6 non-polymer 'FORMIC ACID'
7 non-polymer '(2S)-2-hydroxybutanedioic acid'
8 non-polymer (2R)-2-{[(2R)-2-{[(2S)-2-{[(2R)-2-hydroxypropyl]oxy}propyl]oxy}propyl]oxy}propan-1-ol
9 water water
#
_entity_poly.entity_id   1
_entity_poly.type   'polypeptide(L)'
_entity_poly.pdbx_seq_one_letter_code
;DTHKSEIAHRFNDLGEENFQGLVLIAFSQYLQQCPFDEHVKLVKELTEFAKTCVADESHAGCDKSLHTLFGDELCKVATL
RETYGDMADCCEKQEPERNECFLNHKDDSPDLPKLKPEPDTLCAEFKADEKKFWGKYLYEVARRHPYFYAPELLYYANKY
NGVFQECCQAEDKGACLLPKIDAMREKVLASSARQRLRCASIQKFGERALKAWSVARLSQKFPKADFTDVTKIVTDLTKV
HKECCHGDLLECADDRADLAKYICDHQDALSSKLKECCDKPVLEKSHCIAEVDKDAVPENLPPLTADFAEDKEVCKNYQE
AKDVFLGSFLYEYSRRHPEYAVSVLLRLAKEYEATLEDCCAKEDPHACYATVFDKLKHLVDEPQNLIKKNCELFEKHGEY
GFQNALIVRYTRKAPQVSTPTLVEISRSLGKVGTKCCAKPESERMPCTEDYLSLILNRLCVLHEKTPVSEKVTKCCTESL
VNRRPCFSDLTLDETYVPKPFDEKFFTFHADICTLPDTEKQIKKQTALVELLKHKPKATDEQLKTVMENFVAFVDKCCAA
DDKEGCFVLEGPKLVASTQAALA
;
_entity_poly.pdbx_strand_id   A
#
loop_
_chem_comp.id
_chem_comp.type
_chem_comp.name
_chem_comp.formula
2Q5 non-polymer (2R)-2-{[(2R)-2-{[(2S)-2-{[(2R)-2-hydroxypropyl]oxy}propyl]oxy}propyl]oxy}propan-1-ol 'C12 H26 O5'
ACT non-polymer 'ACETATE ION' 'C2 H3 O2 -1'
DIU non-polymer '2-HYDROXY-3,5-DIIODO-BENZOIC ACID' 'C7 H4 I2 O3'
FMT non-polymer 'FORMIC ACID' 'C H2 O2'
LMR non-polymer '(2S)-2-hydroxybutanedioic acid' 'C4 H6 O5'
MLI non-polymer 'MALONATE ION' 'C3 H2 O4 -2'
SIN non-polymer 'SUCCINIC ACID' 'C4 H6 O4'
#
# COMPACT_ATOMS: atom_id res chain seq x y z
N ASP A 1 21.56 6.29 -30.54
CA ASP A 1 22.93 6.85 -30.47
C ASP A 1 22.90 7.97 -29.46
N THR A 2 22.94 9.24 -29.72
CA THR A 2 23.12 10.36 -28.74
C THR A 2 22.35 10.12 -27.41
N HIS A 3 21.03 10.02 -27.53
CA HIS A 3 20.24 9.66 -26.38
C HIS A 3 20.56 8.20 -25.98
N LYS A 4 21.76 7.68 -26.32
CA LYS A 4 22.22 6.38 -25.76
C LYS A 4 22.88 6.85 -24.52
N SER A 5 23.18 8.16 -24.46
CA SER A 5 23.53 8.58 -23.10
C SER A 5 22.34 8.87 -22.23
N GLU A 6 21.74 7.78 -21.82
CA GLU A 6 20.59 7.86 -20.97
C GLU A 6 20.96 8.62 -19.70
N ILE A 7 22.12 8.32 -19.08
CA ILE A 7 22.40 8.98 -17.80
C ILE A 7 22.50 10.52 -17.91
N ALA A 8 23.11 11.00 -18.99
CA ALA A 8 23.17 12.47 -19.21
C ALA A 8 21.78 13.05 -19.41
N HIS A 9 21.01 12.37 -20.21
CA HIS A 9 19.64 12.75 -20.44
C HIS A 9 18.87 12.85 -19.11
N ARG A 10 19.02 11.84 -18.21
CA ARG A 10 18.27 11.91 -16.93
C ARG A 10 18.82 13.07 -16.08
N PHE A 11 20.14 13.21 -16.09
CA PHE A 11 20.74 14.23 -15.27
C PHE A 11 20.33 15.60 -15.73
N ASN A 12 20.41 15.85 -17.05
CA ASN A 12 19.83 17.07 -17.63
C ASN A 12 18.37 17.29 -17.35
N ASP A 13 17.55 16.26 -17.49
CA ASP A 13 16.11 16.48 -17.24
C ASP A 13 15.78 16.69 -15.76
N LEU A 14 16.41 15.94 -14.86
CA LEU A 14 15.91 15.99 -13.48
C LEU A 14 16.68 17.03 -12.66
N GLY A 15 17.88 17.41 -13.09
CA GLY A 15 18.72 18.26 -12.27
C GLY A 15 19.47 17.47 -11.21
N GLU A 16 20.61 17.96 -10.81
CA GLU A 16 21.45 17.29 -9.85
C GLU A 16 20.78 16.80 -8.55
N GLU A 17 20.01 17.66 -7.93
CA GLU A 17 19.47 17.32 -6.63
C GLU A 17 18.52 16.12 -6.72
N ASN A 18 17.57 16.19 -7.64
CA ASN A 18 16.62 15.08 -7.78
C ASN A 18 17.34 13.84 -8.29
N PHE A 19 18.26 14.03 -9.22
CA PHE A 19 19.00 12.92 -9.73
C PHE A 19 19.65 12.16 -8.55
N GLN A 20 20.36 12.89 -7.68
CA GLN A 20 20.99 12.21 -6.54
C GLN A 20 19.99 11.62 -5.57
N GLY A 21 18.90 12.33 -5.36
CA GLY A 21 17.91 11.81 -4.41
C GLY A 21 17.33 10.51 -4.91
N LEU A 22 17.11 10.42 -6.22
CA LEU A 22 16.52 9.20 -6.80
C LEU A 22 17.52 8.06 -6.82
N VAL A 23 18.77 8.38 -7.14
CA VAL A 23 19.80 7.33 -7.13
C VAL A 23 19.96 6.84 -5.67
N LEU A 24 19.88 7.72 -4.67
CA LEU A 24 20.04 7.27 -3.31
C LEU A 24 18.86 6.32 -2.98
N ILE A 25 17.63 6.71 -3.36
CA ILE A 25 16.50 5.91 -3.09
C ILE A 25 16.65 4.52 -3.71
N ALA A 26 17.17 4.47 -4.95
CA ALA A 26 17.30 3.21 -5.64
C ALA A 26 18.27 2.30 -4.88
N PHE A 27 19.43 2.84 -4.48
CA PHE A 27 20.40 1.97 -3.80
C PHE A 27 19.80 1.50 -2.45
N SER A 28 19.02 2.36 -1.79
CA SER A 28 18.50 2.02 -0.51
C SER A 28 17.43 0.91 -0.65
N GLN A 29 16.65 0.92 -1.73
CA GLN A 29 15.61 -0.05 -1.88
C GLN A 29 16.22 -1.39 -2.32
N TYR A 30 17.31 -1.39 -3.09
CA TYR A 30 17.84 -2.72 -3.45
C TYR A 30 18.77 -3.29 -2.37
N LEU A 31 19.50 -2.42 -1.67
CA LEU A 31 20.48 -2.82 -0.67
C LEU A 31 20.07 -2.28 0.68
N GLN A 32 19.06 -2.89 1.27
CA GLN A 32 18.36 -2.27 2.39
C GLN A 32 19.16 -2.29 3.70
N GLN A 33 20.24 -3.04 3.70
CA GLN A 33 21.04 -3.20 4.89
C GLN A 33 22.39 -2.54 4.77
N CYS A 34 22.64 -1.77 3.72
CA CYS A 34 23.88 -0.99 3.67
C CYS A 34 23.73 0.32 4.45
N PRO A 35 24.83 0.80 5.02
CA PRO A 35 24.68 2.10 5.72
C PRO A 35 24.59 3.28 4.71
N PHE A 36 23.98 4.38 5.19
CA PHE A 36 23.88 5.63 4.47
C PHE A 36 25.19 6.06 3.85
N ASP A 37 26.26 5.99 4.63
CA ASP A 37 27.61 6.37 4.24
C ASP A 37 28.09 5.63 3.02
N GLU A 38 27.78 4.35 2.97
CA GLU A 38 28.11 3.59 1.77
C GLU A 38 27.32 4.07 0.56
N HIS A 39 26.01 4.26 0.77
CA HIS A 39 25.16 4.64 -0.38
C HIS A 39 25.48 6.01 -0.93
N VAL A 40 25.81 6.91 -0.03
CA VAL A 40 26.21 8.26 -0.42
C VAL A 40 27.39 8.20 -1.34
N LYS A 41 28.33 7.26 -1.12
CA LYS A 41 29.51 7.15 -1.99
C LYS A 41 29.12 6.68 -3.35
N LEU A 42 28.17 5.74 -3.38
CA LEU A 42 27.78 5.17 -4.68
C LEU A 42 27.03 6.22 -5.45
N VAL A 43 26.21 6.98 -4.74
CA VAL A 43 25.52 8.12 -5.39
C VAL A 43 26.47 9.15 -5.97
N LYS A 44 27.51 9.45 -5.21
CA LYS A 44 28.44 10.44 -5.67
C LYS A 44 29.24 9.92 -6.84
N GLU A 45 29.57 8.61 -6.84
CA GLU A 45 30.27 8.06 -8.01
C GLU A 45 29.40 8.15 -9.27
N LEU A 46 28.11 7.77 -9.17
CA LEU A 46 27.24 7.84 -10.33
C LEU A 46 26.99 9.30 -10.78
N THR A 47 26.87 10.21 -9.83
CA THR A 47 26.63 11.58 -10.16
C THR A 47 27.83 12.15 -10.87
N GLU A 48 29.04 11.80 -10.43
CA GLU A 48 30.23 12.29 -11.10
C GLU A 48 30.27 11.73 -12.53
N PHE A 49 29.91 10.46 -12.71
CA PHE A 49 30.01 9.88 -14.00
C PHE A 49 28.94 10.55 -14.84
N ALA A 50 27.76 10.79 -14.27
CA ALA A 50 26.69 11.52 -15.02
C ALA A 50 27.17 12.86 -15.54
N LYS A 51 27.89 13.57 -14.67
CA LYS A 51 28.44 14.89 -15.05
C LYS A 51 29.45 14.78 -16.15
N THR A 52 30.24 13.70 -16.13
CA THR A 52 31.20 13.45 -17.22
C THR A 52 30.43 13.22 -18.49
N CYS A 53 29.34 12.44 -18.41
CA CYS A 53 28.60 12.08 -19.62
C CYS A 53 27.96 13.33 -20.15
N VAL A 54 27.49 14.18 -19.26
CA VAL A 54 26.85 15.42 -19.70
C VAL A 54 27.82 16.32 -20.45
N ALA A 55 29.09 16.37 -20.01
CA ALA A 55 30.09 17.22 -20.67
C ALA A 55 30.45 16.59 -22.02
N ASP A 56 30.53 15.26 -22.07
CA ASP A 56 30.84 14.53 -23.26
C ASP A 56 30.18 13.14 -23.36
N GLU A 57 29.11 13.08 -24.14
CA GLU A 57 28.30 11.86 -24.22
C GLU A 57 29.05 10.69 -24.88
N SER A 58 30.20 10.97 -25.47
CA SER A 58 30.89 9.92 -26.15
C SER A 58 31.95 9.37 -25.21
N HIS A 59 32.07 9.86 -23.99
CA HIS A 59 32.98 9.19 -23.04
C HIS A 59 32.58 7.71 -22.83
N ALA A 60 33.60 6.88 -22.59
CA ALA A 60 33.40 5.47 -22.54
C ALA A 60 32.43 5.15 -21.42
N GLY A 61 31.44 4.35 -21.79
CA GLY A 61 30.41 3.87 -20.86
C GLY A 61 29.19 4.78 -20.80
N CYS A 62 29.23 6.00 -21.36
CA CYS A 62 28.08 6.90 -21.25
C CYS A 62 26.90 6.38 -22.09
N ASP A 63 27.19 5.46 -23.01
CA ASP A 63 26.11 4.85 -23.82
C ASP A 63 25.41 3.69 -23.11
N LYS A 64 25.99 3.10 -22.05
CA LYS A 64 25.23 2.05 -21.36
C LYS A 64 23.86 2.58 -20.87
N SER A 65 22.81 1.75 -20.93
CA SER A 65 21.57 1.94 -20.19
C SER A 65 21.86 2.32 -18.73
N LEU A 66 21.12 3.30 -18.25
CA LEU A 66 21.20 3.72 -16.88
C LEU A 66 20.91 2.51 -15.98
N HIS A 67 19.85 1.80 -16.28
CA HIS A 67 19.60 0.69 -15.38
CA HIS A 67 19.48 0.47 -15.73
C HIS A 67 20.70 -0.37 -15.42
N THR A 68 21.41 -0.58 -16.54
CA THR A 68 22.67 -1.37 -16.58
C THR A 68 23.88 -0.78 -15.77
N LEU A 69 24.17 0.52 -15.89
CA LEU A 69 25.13 1.18 -15.00
C LEU A 69 24.81 1.01 -13.50
N PHE A 70 23.52 1.13 -13.18
CA PHE A 70 23.11 0.96 -11.81
C PHE A 70 23.34 -0.49 -11.33
N GLY A 71 22.78 -1.47 -12.05
CA GLY A 71 23.05 -2.86 -11.74
C GLY A 71 24.57 -3.14 -11.56
N ASP A 72 25.39 -2.66 -12.50
CA ASP A 72 26.82 -2.84 -12.39
C ASP A 72 27.35 -2.31 -11.12
N GLU A 73 26.85 -1.17 -10.65
CA GLU A 73 27.31 -0.64 -9.39
C GLU A 73 26.87 -1.53 -8.23
N LEU A 74 25.64 -2.01 -8.26
CA LEU A 74 25.22 -3.02 -7.27
C LEU A 74 26.23 -4.18 -7.23
N CYS A 75 26.50 -4.76 -8.40
CA CYS A 75 27.40 -5.88 -8.50
C CYS A 75 28.81 -5.54 -8.05
N LYS A 76 29.15 -4.29 -7.86
CA LYS A 76 30.52 -4.01 -7.50
C LYS A 76 30.63 -3.68 -6.05
N VAL A 77 29.57 -3.95 -5.28
CA VAL A 77 29.61 -3.76 -3.82
C VAL A 77 30.37 -4.96 -3.21
N ALA A 78 31.49 -4.70 -2.55
CA ALA A 78 32.34 -5.77 -1.97
C ALA A 78 31.60 -6.72 -1.00
N THR A 79 30.67 -6.21 -0.19
CA THR A 79 30.05 -7.05 0.84
C THR A 79 28.73 -7.67 0.35
N LEU A 80 28.49 -7.55 -0.96
CA LEU A 80 27.25 -8.01 -1.61
C LEU A 80 26.78 -9.44 -1.23
N ARG A 81 27.68 -10.42 -1.42
CA ARG A 81 27.41 -11.79 -0.97
C ARG A 81 27.39 -11.94 0.57
N GLU A 82 28.41 -11.39 1.23
CA GLU A 82 28.51 -11.42 2.68
C GLU A 82 27.15 -11.07 3.27
N THR A 83 26.62 -9.92 2.85
CA THR A 83 25.34 -9.40 3.36
C THR A 83 24.11 -10.02 2.70
N TYR A 84 24.08 -10.11 1.37
CA TYR A 84 22.80 -10.42 0.71
C TYR A 84 22.73 -11.85 0.17
N GLY A 85 23.70 -12.66 0.57
CA GLY A 85 23.73 -14.07 0.18
C GLY A 85 23.54 -14.23 -1.31
N ASP A 86 22.56 -15.06 -1.66
CA ASP A 86 22.20 -15.37 -3.06
C ASP A 86 22.12 -14.18 -3.96
N MET A 87 21.76 -13.03 -3.38
CA MET A 87 21.58 -11.84 -4.17
C MET A 87 22.77 -11.65 -5.10
N ALA A 88 23.97 -11.93 -4.58
CA ALA A 88 25.18 -11.90 -5.39
C ALA A 88 25.03 -12.72 -6.69
N ASP A 89 24.29 -13.80 -6.65
CA ASP A 89 24.21 -14.63 -7.87
C ASP A 89 23.58 -13.90 -9.03
N CYS A 90 22.66 -13.00 -8.71
CA CYS A 90 22.01 -12.16 -9.72
C CYS A 90 23.02 -11.57 -10.67
N CYS A 91 24.21 -11.21 -10.19
CA CYS A 91 25.26 -10.64 -11.05
C CYS A 91 25.74 -11.46 -12.24
N GLU A 92 25.51 -12.77 -12.23
CA GLU A 92 25.91 -13.62 -13.35
C GLU A 92 25.00 -13.41 -14.54
N LYS A 93 23.92 -12.67 -14.37
CA LYS A 93 22.93 -12.58 -15.43
C LYS A 93 23.05 -11.33 -16.30
N GLN A 94 22.54 -11.44 -17.52
CA GLN A 94 22.28 -10.31 -18.42
C GLN A 94 20.98 -9.58 -18.00
N GLU A 95 20.90 -8.31 -18.36
CA GLU A 95 19.67 -7.55 -18.18
C GLU A 95 18.76 -7.96 -19.33
N PRO A 96 17.44 -7.97 -19.13
CA PRO A 96 16.68 -7.55 -17.92
C PRO A 96 16.66 -8.56 -16.76
N GLU A 97 17.09 -9.80 -17.02
CA GLU A 97 16.98 -10.91 -16.03
C GLU A 97 17.69 -10.58 -14.69
N ARG A 98 18.87 -9.95 -14.77
CA ARG A 98 19.59 -9.51 -13.56
C ARG A 98 18.69 -8.62 -12.65
N ASN A 99 18.07 -7.61 -13.24
CA ASN A 99 17.25 -6.74 -12.45
C ASN A 99 16.10 -7.51 -11.77
N GLU A 100 15.51 -8.41 -12.53
CA GLU A 100 14.34 -9.14 -12.01
C GLU A 100 14.79 -9.97 -10.84
N CYS A 101 15.99 -10.50 -11.00
CA CYS A 101 16.62 -11.20 -9.94
C CYS A 101 16.78 -10.31 -8.70
N PHE A 102 17.41 -9.14 -8.85
CA PHE A 102 17.56 -8.23 -7.71
C PHE A 102 16.24 -7.90 -7.08
N LEU A 103 15.25 -7.60 -7.91
CA LEU A 103 13.93 -7.22 -7.38
C LEU A 103 13.39 -8.31 -6.50
N ASN A 104 13.67 -9.57 -6.85
CA ASN A 104 13.21 -10.69 -6.03
C ASN A 104 13.79 -10.64 -4.65
N HIS A 105 14.97 -10.05 -4.48
CA HIS A 105 15.49 -9.94 -3.14
C HIS A 105 15.05 -8.67 -2.40
N LYS A 106 14.17 -7.80 -2.94
CA LYS A 106 13.69 -6.71 -2.09
C LYS A 106 12.96 -7.38 -0.94
N ASP A 107 13.20 -6.91 0.28
CA ASP A 107 12.59 -7.46 1.48
C ASP A 107 11.49 -6.54 2.03
N ASP A 108 10.25 -6.99 1.92
CA ASP A 108 9.08 -6.25 2.38
C ASP A 108 9.00 -6.23 3.91
N SER A 109 9.65 -7.15 4.58
CA SER A 109 9.58 -7.03 6.03
C SER A 109 11.00 -7.02 6.63
N PRO A 110 11.79 -5.97 6.39
CA PRO A 110 13.19 -6.09 6.78
C PRO A 110 13.41 -6.04 8.28
N ASP A 111 12.42 -5.63 9.07
CA ASP A 111 12.47 -5.58 10.56
C ASP A 111 13.71 -4.86 11.06
N LEU A 112 13.91 -3.66 10.48
CA LEU A 112 14.89 -2.64 10.85
C LEU A 112 14.52 -1.97 12.16
N PRO A 113 15.51 -1.46 12.92
CA PRO A 113 15.11 -0.81 14.19
C PRO A 113 14.05 0.26 13.94
N LYS A 114 13.23 0.45 14.95
CA LYS A 114 12.22 1.49 14.98
C LYS A 114 12.95 2.81 15.01
N LEU A 115 12.57 3.76 14.15
CA LEU A 115 13.21 5.07 14.29
C LEU A 115 12.44 6.04 15.17
N LYS A 116 12.91 6.20 16.38
CA LYS A 116 12.20 7.01 17.35
C LYS A 116 12.82 8.41 17.43
N PRO A 117 12.04 9.43 17.02
CA PRO A 117 12.41 10.85 16.95
C PRO A 117 12.99 11.45 18.25
N GLU A 118 14.26 11.84 18.18
CA GLU A 118 14.85 12.68 19.22
C GLU A 118 14.92 14.16 18.73
N PRO A 119 13.88 14.98 19.05
CA PRO A 119 13.65 16.35 18.56
C PRO A 119 14.88 17.24 18.54
N ASP A 120 15.59 17.32 19.66
CA ASP A 120 16.88 18.03 19.75
C ASP A 120 17.95 17.45 18.82
N THR A 121 18.09 16.14 18.88
CA THR A 121 19.01 15.46 17.98
C THR A 121 18.64 15.71 16.51
N LEU A 122 17.41 15.38 16.13
CA LEU A 122 16.93 15.71 14.77
C LEU A 122 17.27 17.13 14.41
N CYS A 123 16.98 18.07 15.31
CA CYS A 123 17.16 19.48 14.97
C CYS A 123 18.64 19.86 14.82
N ALA A 124 19.48 19.25 15.66
CA ALA A 124 20.95 19.54 15.58
C ALA A 124 21.47 19.03 14.23
N GLU A 125 21.04 17.82 13.85
CA GLU A 125 21.43 17.30 12.57
C GLU A 125 20.89 18.13 11.46
N PHE A 126 19.61 18.51 11.52
CA PHE A 126 19.03 19.33 10.47
C PHE A 126 19.76 20.68 10.31
N LYS A 127 20.06 21.35 11.45
CA LYS A 127 20.85 22.61 11.43
C LYS A 127 22.28 22.39 10.91
N ALA A 128 22.90 21.30 11.30
CA ALA A 128 24.28 21.06 10.84
C ALA A 128 24.37 21.04 9.34
N ASP A 129 23.53 20.20 8.70
CA ASP A 129 23.56 19.92 7.25
C ASP A 129 22.19 19.43 6.72
N GLU A 130 21.45 20.37 6.18
CA GLU A 130 20.12 20.11 5.67
C GLU A 130 20.10 19.03 4.61
N LYS A 131 21.08 19.01 3.71
CA LYS A 131 21.11 18.09 2.57
C LYS A 131 21.37 16.64 3.04
N LYS A 132 22.32 16.50 3.96
CA LYS A 132 22.59 15.23 4.53
C LYS A 132 21.36 14.76 5.33
N PHE A 133 20.70 15.68 6.03
CA PHE A 133 19.54 15.31 6.85
C PHE A 133 18.42 14.69 5.98
N TRP A 134 18.12 15.36 4.87
CA TRP A 134 17.15 14.87 3.94
C TRP A 134 17.54 13.59 3.21
N GLY A 135 18.83 13.45 2.91
CA GLY A 135 19.35 12.25 2.35
C GLY A 135 19.08 11.10 3.32
N LYS A 136 19.38 11.31 4.59
CA LYS A 136 19.30 10.21 5.59
C LYS A 136 17.80 9.84 5.69
N TYR A 137 16.90 10.83 5.62
CA TYR A 137 15.49 10.58 5.62
C TYR A 137 15.04 9.72 4.43
N LEU A 138 15.47 10.09 3.25
CA LEU A 138 15.10 9.29 2.09
C LEU A 138 15.64 7.83 2.27
N TYR A 139 16.88 7.72 2.79
CA TYR A 139 17.44 6.40 2.90
C TYR A 139 16.68 5.57 3.94
N GLU A 140 16.28 6.16 5.06
CA GLU A 140 15.62 5.39 6.13
C GLU A 140 14.23 4.92 5.67
N VAL A 141 13.52 5.78 4.97
CA VAL A 141 12.20 5.42 4.48
C VAL A 141 12.35 4.39 3.37
N ALA A 142 13.26 4.65 2.44
CA ALA A 142 13.31 3.81 1.22
C ALA A 142 13.76 2.38 1.62
N ARG A 143 14.67 2.26 2.64
CA ARG A 143 15.17 0.89 2.96
C ARG A 143 14.14 0.08 3.75
N ARG A 144 13.23 0.80 4.40
CA ARG A 144 12.17 0.16 5.09
C ARG A 144 11.04 -0.17 4.16
N HIS A 145 10.96 0.53 3.02
CA HIS A 145 9.82 0.34 2.08
C HIS A 145 10.41 0.31 0.69
N PRO A 146 10.88 -0.86 0.28
CA PRO A 146 11.74 -0.91 -0.93
C PRO A 146 10.90 -0.78 -2.19
N TYR A 147 9.59 -0.64 -2.02
CA TYR A 147 8.75 -0.29 -3.17
C TYR A 147 8.15 1.13 -3.06
N PHE A 148 8.59 1.92 -2.12
CA PHE A 148 8.07 3.27 -2.00
C PHE A 148 8.16 3.98 -3.34
N TYR A 149 7.07 4.64 -3.69
CA TYR A 149 7.00 5.42 -4.94
C TYR A 149 8.00 6.60 -4.89
N ALA A 150 9.10 6.48 -5.63
CA ALA A 150 10.29 7.34 -5.38
C ALA A 150 10.04 8.88 -5.53
N PRO A 151 9.36 9.32 -6.62
CA PRO A 151 9.17 10.78 -6.75
C PRO A 151 8.38 11.37 -5.61
N GLU A 152 7.39 10.65 -5.10
CA GLU A 152 6.67 11.10 -3.94
C GLU A 152 7.56 11.19 -2.74
N LEU A 153 8.50 10.28 -2.61
CA LEU A 153 9.40 10.36 -1.45
C LEU A 153 10.22 11.65 -1.52
N LEU A 154 10.72 11.99 -2.72
CA LEU A 154 11.45 13.26 -2.90
C LEU A 154 10.54 14.40 -2.47
N TYR A 155 9.29 14.31 -2.89
CA TYR A 155 8.33 15.29 -2.48
C TYR A 155 8.22 15.40 -0.94
N TYR A 156 8.11 14.27 -0.22
CA TYR A 156 7.88 14.32 1.22
C TYR A 156 9.10 14.91 1.90
N ALA A 157 10.30 14.67 1.38
CA ALA A 157 11.43 15.46 1.84
C ALA A 157 11.26 16.97 1.64
N ASN A 158 10.96 17.42 0.45
CA ASN A 158 10.70 18.85 0.24
C ASN A 158 9.59 19.51 1.08
N LYS A 159 8.49 18.80 1.28
CA LYS A 159 7.27 19.44 1.82
C LYS A 159 7.54 19.66 3.29
N TYR A 160 8.19 18.68 3.90
CA TYR A 160 8.51 18.68 5.32
C TYR A 160 9.75 19.47 5.76
N ASN A 161 10.33 20.22 4.83
CA ASN A 161 11.55 20.93 5.12
C ASN A 161 11.10 22.10 5.91
N GLY A 162 9.98 22.69 5.45
CA GLY A 162 9.36 23.84 6.15
C GLY A 162 9.14 23.43 7.58
N VAL A 163 8.81 22.16 7.78
CA VAL A 163 8.54 21.64 9.12
C VAL A 163 9.73 21.89 10.03
N PHE A 164 10.88 21.48 9.56
CA PHE A 164 12.05 21.52 10.35
C PHE A 164 12.59 22.92 10.49
N GLN A 165 12.46 23.68 9.41
CA GLN A 165 12.85 25.08 9.37
C GLN A 165 12.09 25.81 10.45
N GLU A 166 10.77 25.60 10.53
CA GLU A 166 9.94 26.27 11.52
C GLU A 166 10.25 25.71 12.87
N CYS A 167 9.94 24.43 13.07
CA CYS A 167 10.16 23.82 14.36
C CYS A 167 11.56 24.00 15.03
N CYS A 168 12.65 23.88 14.27
CA CYS A 168 13.99 23.87 14.86
C CYS A 168 14.50 25.23 15.36
N GLN A 169 13.73 26.30 15.14
CA GLN A 169 14.04 27.59 15.72
C GLN A 169 13.30 27.79 17.04
N ALA A 170 12.30 26.95 17.31
CA ALA A 170 11.53 26.97 18.55
C ALA A 170 12.37 26.51 19.74
N GLU A 171 12.03 26.94 20.95
CA GLU A 171 12.75 26.45 22.15
C GLU A 171 12.21 25.10 22.52
N ASP A 172 10.89 24.99 22.58
CA ASP A 172 10.23 23.71 22.74
C ASP A 172 10.12 22.86 21.39
N LYS A 173 11.25 22.32 20.90
CA LYS A 173 11.29 21.60 19.61
C LYS A 173 10.30 20.43 19.59
N GLY A 174 10.38 19.58 20.62
CA GLY A 174 9.47 18.42 20.78
C GLY A 174 7.99 18.71 20.60
N ALA A 175 7.50 19.76 21.24
CA ALA A 175 6.05 20.06 21.11
C ALA A 175 5.65 20.44 19.70
N CYS A 176 6.59 21.00 18.95
CA CYS A 176 6.32 21.46 17.61
C CYS A 176 6.43 20.27 16.65
N LEU A 177 7.54 19.56 16.72
CA LEU A 177 7.85 18.49 15.75
C LEU A 177 7.07 17.18 15.82
N LEU A 178 6.85 16.71 17.04
CA LEU A 178 6.27 15.39 17.28
C LEU A 178 4.90 15.17 16.61
N PRO A 179 3.96 16.12 16.73
CA PRO A 179 2.70 15.95 15.99
C PRO A 179 2.97 15.87 14.50
N LYS A 180 3.93 16.66 14.02
CA LYS A 180 4.13 16.69 12.61
C LYS A 180 4.77 15.40 12.04
N ILE A 181 5.65 14.83 12.82
CA ILE A 181 6.28 13.59 12.48
C ILE A 181 5.27 12.47 12.49
N ASP A 182 4.36 12.46 13.47
CA ASP A 182 3.30 11.44 13.47
C ASP A 182 2.45 11.52 12.22
N ALA A 183 2.14 12.76 11.80
CA ALA A 183 1.37 13.00 10.56
C ALA A 183 2.16 12.56 9.32
N MET A 184 3.42 12.96 9.27
CA MET A 184 4.36 12.52 8.24
C MET A 184 4.35 10.98 8.18
N ARG A 185 4.52 10.32 9.31
CA ARG A 185 4.60 8.87 9.35
C ARG A 185 3.31 8.22 8.84
N GLU A 186 2.18 8.84 9.15
CA GLU A 186 0.92 8.32 8.69
C GLU A 186 0.84 8.43 7.15
N LYS A 187 1.25 9.57 6.59
CA LYS A 187 1.23 9.76 5.16
C LYS A 187 2.13 8.71 4.50
N VAL A 188 3.32 8.55 5.03
CA VAL A 188 4.28 7.62 4.48
C VAL A 188 3.72 6.21 4.38
N LEU A 189 3.24 5.67 5.51
CA LEU A 189 2.75 4.29 5.57
C LEU A 189 1.61 4.08 4.54
N ALA A 190 0.68 5.03 4.44
CA ALA A 190 -0.39 4.86 3.51
C ALA A 190 0.19 4.91 2.07
N SER A 191 1.13 5.80 1.83
CA SER A 191 1.66 5.96 0.50
C SER A 191 2.39 4.64 0.14
N SER A 192 3.11 4.11 1.12
CA SER A 192 3.86 2.86 0.89
C SER A 192 2.91 1.69 0.50
N ALA A 193 1.84 1.48 1.28
CA ALA A 193 0.91 0.38 1.03
C ALA A 193 0.23 0.53 -0.33
N ARG A 194 -0.04 1.79 -0.69
CA ARG A 194 -0.68 2.06 -1.98
C ARG A 194 0.27 1.66 -3.12
N GLN A 195 1.52 2.13 -3.05
CA GLN A 195 2.43 1.79 -4.12
C GLN A 195 2.72 0.26 -4.13
N ARG A 196 2.77 -0.34 -2.94
CA ARG A 196 3.07 -1.78 -2.85
C ARG A 196 1.94 -2.57 -3.54
N LEU A 197 0.70 -2.05 -3.44
CA LEU A 197 -0.39 -2.69 -4.13
C LEU A 197 -0.24 -2.50 -5.67
N ARG A 198 0.18 -1.34 -6.07
CA ARG A 198 0.29 -1.12 -7.52
C ARG A 198 1.36 -2.08 -8.04
N CYS A 199 2.48 -2.28 -7.28
CA CYS A 199 3.60 -3.12 -7.83
C CYS A 199 3.15 -4.58 -7.76
N ALA A 200 2.46 -4.99 -6.69
CA ALA A 200 1.84 -6.34 -6.66
C ALA A 200 0.85 -6.60 -7.78
N SER A 201 -0.05 -5.68 -8.12
CA SER A 201 -0.97 -5.85 -9.27
C SER A 201 -0.22 -6.19 -10.46
N ILE A 202 0.82 -5.39 -10.69
CA ILE A 202 1.48 -5.49 -12.01
C ILE A 202 2.16 -6.88 -12.02
N GLN A 203 2.92 -7.19 -10.97
CA GLN A 203 3.65 -8.44 -10.93
C GLN A 203 2.73 -9.68 -10.86
N LYS A 204 1.60 -9.64 -10.14
CA LYS A 204 0.82 -10.88 -9.95
C LYS A 204 -0.33 -10.96 -10.90
N PHE A 205 -0.83 -9.82 -11.38
CA PHE A 205 -2.00 -9.90 -12.22
C PHE A 205 -1.73 -9.25 -13.53
N GLY A 206 -0.55 -8.68 -13.69
CA GLY A 206 -0.21 -8.04 -14.94
C GLY A 206 -0.62 -6.58 -15.04
N GLU A 207 0.05 -5.87 -15.91
CA GLU A 207 -0.15 -4.46 -16.15
C GLU A 207 -1.59 -4.09 -16.43
N ARG A 208 -2.30 -4.98 -17.12
CA ARG A 208 -3.69 -4.68 -17.46
C ARG A 208 -4.55 -4.61 -16.20
N ALA A 209 -4.18 -5.30 -15.10
CA ALA A 209 -5.03 -5.19 -13.91
C ALA A 209 -4.89 -3.78 -13.38
N LEU A 210 -3.66 -3.25 -13.36
CA LEU A 210 -3.52 -1.92 -12.82
C LEU A 210 -4.17 -0.89 -13.78
N LYS A 211 -4.09 -1.13 -15.12
CA LYS A 211 -4.80 -0.23 -16.04
C LYS A 211 -6.32 -0.15 -15.80
N ALA A 212 -6.98 -1.28 -15.62
CA ALA A 212 -8.42 -1.28 -15.35
C ALA A 212 -8.71 -0.50 -14.06
N TRP A 213 -7.98 -0.81 -12.98
CA TRP A 213 -8.17 -0.12 -11.75
C TRP A 213 -8.05 1.41 -11.98
N SER A 214 -7.02 1.83 -12.73
CA SER A 214 -6.83 3.24 -12.98
C SER A 214 -7.83 3.88 -13.90
N VAL A 215 -8.34 3.15 -14.87
CA VAL A 215 -9.45 3.66 -15.68
C VAL A 215 -10.61 4.03 -14.79
N ALA A 216 -10.99 3.11 -13.90
CA ALA A 216 -12.13 3.38 -13.02
C ALA A 216 -11.78 4.65 -12.15
N ARG A 217 -10.55 4.71 -11.63
CA ARG A 217 -10.23 5.75 -10.66
C ARG A 217 -10.17 7.09 -11.38
N LEU A 218 -9.50 7.11 -12.55
CA LEU A 218 -9.35 8.35 -13.28
C LEU A 218 -10.68 8.83 -13.89
N SER A 219 -11.57 7.88 -14.24
CA SER A 219 -12.90 8.27 -14.76
C SER A 219 -13.72 8.99 -13.64
N GLN A 220 -13.60 8.50 -12.42
CA GLN A 220 -14.17 9.21 -11.25
C GLN A 220 -13.59 10.60 -11.02
N LYS A 221 -12.28 10.72 -11.17
CA LYS A 221 -11.55 11.96 -10.86
C LYS A 221 -11.84 13.02 -11.90
N PHE A 222 -11.86 12.59 -13.19
CA PHE A 222 -11.98 13.55 -14.32
C PHE A 222 -13.21 13.13 -15.12
N PRO A 223 -14.42 13.14 -14.51
CA PRO A 223 -15.58 12.59 -15.24
C PRO A 223 -15.98 13.31 -16.51
N LYS A 224 -15.47 14.52 -16.70
CA LYS A 224 -15.77 15.21 -18.01
C LYS A 224 -14.82 14.81 -19.15
N ALA A 225 -13.73 14.10 -18.84
CA ALA A 225 -12.79 13.75 -19.89
C ALA A 225 -13.37 12.67 -20.78
N ASP A 226 -12.91 12.64 -22.02
CA ASP A 226 -13.24 11.60 -23.01
C ASP A 226 -12.60 10.26 -22.61
N PHE A 227 -13.23 9.17 -22.99
CA PHE A 227 -12.73 7.85 -22.67
C PHE A 227 -11.25 7.72 -23.07
N THR A 228 -10.93 8.27 -24.23
CA THR A 228 -9.65 8.06 -24.83
C THR A 228 -8.60 8.97 -24.19
N ASP A 229 -9.01 10.11 -23.64
CA ASP A 229 -8.10 10.85 -22.81
C ASP A 229 -7.78 10.09 -21.52
N VAL A 230 -8.78 9.46 -20.91
CA VAL A 230 -8.56 8.72 -19.67
C VAL A 230 -7.61 7.60 -20.03
N THR A 231 -7.84 6.89 -21.17
CA THR A 231 -6.97 5.71 -21.43
C THR A 231 -5.54 6.15 -21.77
N LYS A 232 -5.39 7.30 -22.43
CA LYS A 232 -4.05 7.80 -22.68
C LYS A 232 -3.31 8.06 -21.33
N ILE A 233 -3.97 8.79 -20.44
CA ILE A 233 -3.37 9.10 -19.16
C ILE A 233 -3.09 7.82 -18.35
N VAL A 234 -4.05 6.93 -18.28
CA VAL A 234 -3.86 5.70 -17.53
C VAL A 234 -2.70 4.93 -18.12
N THR A 235 -2.57 4.94 -19.42
CA THR A 235 -1.44 4.18 -19.93
C THR A 235 -0.08 4.81 -19.53
N ASP A 236 0.06 6.13 -19.73
CA ASP A 236 1.26 6.82 -19.30
C ASP A 236 1.48 6.56 -17.76
N LEU A 237 0.42 6.64 -16.95
CA LEU A 237 0.60 6.60 -15.54
C LEU A 237 1.06 5.17 -15.15
N THR A 238 0.55 4.16 -15.85
CA THR A 238 0.78 2.78 -15.48
C THR A 238 2.21 2.47 -15.92
N LYS A 239 2.67 3.07 -17.02
CA LYS A 239 4.09 2.99 -17.37
C LYS A 239 5.01 3.57 -16.26
N VAL A 240 4.67 4.76 -15.78
CA VAL A 240 5.41 5.40 -14.73
C VAL A 240 5.45 4.41 -13.50
N HIS A 241 4.32 3.76 -13.18
CA HIS A 241 4.25 2.92 -11.97
C HIS A 241 5.03 1.67 -12.18
N LYS A 242 4.97 1.13 -13.40
CA LYS A 242 5.76 0.00 -13.74
C LYS A 242 7.27 0.32 -13.64
N GLU A 243 7.69 1.44 -14.20
CA GLU A 243 9.09 1.81 -14.14
C GLU A 243 9.55 1.98 -12.69
N CYS A 244 8.78 2.71 -11.90
CA CYS A 244 9.10 2.75 -10.50
C CYS A 244 9.07 1.40 -9.79
N CYS A 245 8.06 0.53 -10.04
CA CYS A 245 8.07 -0.77 -9.39
C CYS A 245 9.28 -1.62 -9.79
N HIS A 246 9.81 -1.43 -11.01
CA HIS A 246 10.97 -2.18 -11.49
C HIS A 246 12.33 -1.58 -11.15
N GLY A 247 12.34 -0.56 -10.32
CA GLY A 247 13.58 0.09 -9.93
C GLY A 247 14.09 1.08 -10.98
N ASP A 248 13.37 1.30 -12.06
CA ASP A 248 13.86 2.33 -13.02
C ASP A 248 13.44 3.74 -12.55
N LEU A 249 14.12 4.22 -11.49
CA LEU A 249 13.58 5.35 -10.72
C LEU A 249 13.77 6.66 -11.46
N LEU A 250 14.90 6.87 -12.15
CA LEU A 250 15.08 8.15 -12.81
C LEU A 250 14.14 8.21 -14.02
N GLU A 251 13.99 7.11 -14.74
CA GLU A 251 13.07 7.14 -15.92
C GLU A 251 11.61 7.32 -15.40
N CYS A 252 11.31 6.58 -14.34
CA CYS A 252 10.05 6.82 -13.60
C CYS A 252 9.77 8.33 -13.33
N ALA A 253 10.73 9.02 -12.68
CA ALA A 253 10.45 10.39 -12.25
C ALA A 253 10.38 11.25 -13.54
N ASP A 254 11.29 10.96 -14.48
CA ASP A 254 11.26 11.76 -15.70
C ASP A 254 9.90 11.58 -16.44
N ASP A 255 9.47 10.34 -16.63
CA ASP A 255 8.10 10.11 -17.19
C ASP A 255 6.99 10.77 -16.38
N ARG A 256 7.11 10.79 -15.07
CA ARG A 256 5.99 11.34 -14.30
C ARG A 256 5.94 12.82 -14.51
N ALA A 257 7.11 13.45 -14.57
CA ALA A 257 7.12 14.94 -14.83
C ALA A 257 6.50 15.19 -16.17
N ASP A 258 6.81 14.37 -17.18
CA ASP A 258 6.13 14.62 -18.51
C ASP A 258 4.61 14.46 -18.35
N LEU A 259 4.21 13.48 -17.52
CA LEU A 259 2.78 13.24 -17.38
C LEU A 259 2.08 14.41 -16.72
N ALA A 260 2.69 14.90 -15.62
CA ALA A 260 2.22 16.07 -14.95
C ALA A 260 2.13 17.26 -15.93
N LYS A 261 3.18 17.43 -16.74
CA LYS A 261 3.11 18.57 -17.65
C LYS A 261 1.99 18.38 -18.74
N TYR A 262 1.82 17.15 -19.18
CA TYR A 262 0.76 16.83 -20.13
C TYR A 262 -0.60 17.13 -19.51
N ILE A 263 -0.80 16.70 -18.26
CA ILE A 263 -2.12 16.92 -17.63
C ILE A 263 -2.37 18.45 -17.48
N CYS A 264 -1.37 19.22 -17.06
CA CYS A 264 -1.56 20.63 -16.91
C CYS A 264 -1.76 21.27 -18.27
N ASP A 265 -1.08 20.81 -19.30
CA ASP A 265 -1.34 21.36 -20.64
C ASP A 265 -2.74 21.09 -21.05
N HIS A 266 -3.41 20.03 -20.57
CA HIS A 266 -4.75 19.71 -21.05
C HIS A 266 -5.83 19.83 -20.03
N GLN A 267 -5.56 20.61 -19.00
CA GLN A 267 -6.42 20.66 -17.84
C GLN A 267 -7.86 20.97 -18.14
N ASP A 268 -8.10 21.77 -19.20
CA ASP A 268 -9.45 22.19 -19.59
C ASP A 268 -10.21 21.03 -20.16
N ALA A 269 -9.53 19.98 -20.61
CA ALA A 269 -10.28 18.87 -21.11
C ALA A 269 -10.43 17.82 -20.00
N LEU A 270 -9.88 18.07 -18.79
CA LEU A 270 -9.78 17.04 -17.80
C LEU A 270 -10.58 17.34 -16.56
N SER A 271 -10.39 18.51 -15.97
CA SER A 271 -10.97 18.85 -14.70
C SER A 271 -10.57 20.25 -14.32
N SER A 272 -11.52 20.97 -13.78
CA SER A 272 -11.29 22.36 -13.38
C SER A 272 -10.53 22.40 -12.04
N LYS A 273 -10.47 21.29 -11.31
CA LYS A 273 -9.73 21.28 -10.05
C LYS A 273 -8.23 21.36 -10.31
N LEU A 274 -7.81 21.12 -11.54
CA LEU A 274 -6.37 21.02 -11.74
C LEU A 274 -5.66 22.39 -11.69
N LYS A 275 -6.42 23.46 -11.81
CA LYS A 275 -5.90 24.86 -11.79
C LYS A 275 -5.01 25.11 -10.62
N GLU A 276 -5.43 24.68 -9.45
CA GLU A 276 -4.60 24.70 -8.26
C GLU A 276 -3.17 24.18 -8.52
N CYS A 277 -3.04 23.04 -9.19
CA CYS A 277 -1.75 22.35 -9.24
C CYS A 277 -0.79 22.93 -10.28
N CYS A 278 -1.33 23.57 -11.29
CA CYS A 278 -0.56 23.70 -12.54
C CYS A 278 0.48 24.84 -12.58
N ASP A 279 0.52 25.67 -11.55
CA ASP A 279 1.66 26.58 -11.50
C ASP A 279 2.69 26.18 -10.45
N LYS A 280 2.63 24.95 -9.92
CA LYS A 280 3.61 24.50 -8.89
C LYS A 280 4.91 23.92 -9.46
N PRO A 281 6.05 24.06 -8.72
CA PRO A 281 7.22 23.29 -9.22
C PRO A 281 6.87 21.80 -9.29
N VAL A 282 7.68 21.05 -10.00
CA VAL A 282 7.25 19.79 -10.57
C VAL A 282 6.86 18.70 -9.52
N LEU A 283 7.60 18.54 -8.41
CA LEU A 283 7.24 17.50 -7.42
C LEU A 283 5.93 17.84 -6.79
N GLU A 284 5.76 19.12 -6.56
CA GLU A 284 4.58 19.52 -5.86
C GLU A 284 3.36 19.48 -6.81
N LYS A 285 3.56 19.94 -8.02
CA LYS A 285 2.55 19.83 -9.05
C LYS A 285 2.09 18.35 -9.21
N SER A 286 3.03 17.42 -9.31
CA SER A 286 2.67 16.00 -9.46
C SER A 286 1.85 15.51 -8.25
N HIS A 287 2.31 15.89 -7.06
CA HIS A 287 1.67 15.43 -5.86
C HIS A 287 0.22 15.98 -5.78
N CYS A 288 0.11 17.25 -6.11
CA CYS A 288 -1.17 17.90 -6.08
C CYS A 288 -2.09 17.25 -7.11
N ILE A 289 -1.60 16.98 -8.32
CA ILE A 289 -2.46 16.23 -9.29
C ILE A 289 -2.86 14.87 -8.73
N ALA A 290 -1.93 14.13 -8.11
CA ALA A 290 -2.29 12.78 -7.64
C ALA A 290 -3.38 12.93 -6.57
N GLU A 291 -3.47 14.06 -5.89
CA GLU A 291 -4.37 14.17 -4.74
C GLU A 291 -5.60 15.00 -5.09
N VAL A 292 -5.81 15.37 -6.34
CA VAL A 292 -6.86 16.36 -6.64
C VAL A 292 -8.20 15.71 -6.26
N ASP A 293 -9.17 16.47 -5.77
CA ASP A 293 -10.53 15.93 -5.57
C ASP A 293 -11.22 15.61 -6.91
N LYS A 294 -12.14 14.62 -6.88
CA LYS A 294 -13.04 14.30 -7.96
C LYS A 294 -13.70 15.60 -8.48
N ASP A 295 -13.67 15.88 -9.75
CA ASP A 295 -14.44 16.98 -10.32
C ASP A 295 -15.97 16.71 -10.21
N ALA A 296 -16.83 17.70 -10.38
CA ALA A 296 -18.27 17.41 -10.38
C ALA A 296 -18.64 16.60 -11.62
N VAL A 297 -19.61 15.71 -11.49
CA VAL A 297 -20.11 14.94 -12.64
C VAL A 297 -20.77 15.92 -13.58
N PRO A 298 -20.39 15.97 -14.87
CA PRO A 298 -21.10 16.91 -15.69
C PRO A 298 -22.63 16.63 -15.75
N GLU A 299 -23.39 17.63 -16.15
CA GLU A 299 -24.82 17.47 -16.35
C GLU A 299 -24.96 16.82 -17.74
N ASN A 300 -26.18 16.41 -18.08
CA ASN A 300 -26.55 15.93 -19.40
C ASN A 300 -25.88 14.67 -19.83
N LEU A 301 -25.31 13.88 -18.92
CA LEU A 301 -24.86 12.58 -19.35
C LEU A 301 -26.09 11.63 -19.52
N PRO A 302 -26.16 10.88 -20.61
CA PRO A 302 -27.32 9.99 -20.73
C PRO A 302 -27.32 8.93 -19.64
N PRO A 303 -28.49 8.39 -19.35
CA PRO A 303 -28.53 7.28 -18.38
C PRO A 303 -27.70 6.14 -18.93
N LEU A 304 -27.09 5.37 -18.04
CA LEU A 304 -26.31 4.21 -18.49
C LEU A 304 -27.11 3.15 -19.28
N THR A 305 -28.39 3.08 -19.00
CA THR A 305 -29.25 2.14 -19.66
C THR A 305 -29.30 2.43 -21.14
N ALA A 306 -29.15 3.71 -21.57
CA ALA A 306 -29.21 4.02 -23.02
C ALA A 306 -28.22 3.15 -23.84
N ASP A 307 -26.92 3.12 -23.54
CA ASP A 307 -25.95 2.33 -24.33
C ASP A 307 -25.89 0.86 -23.88
N PHE A 308 -26.29 0.54 -22.66
CA PHE A 308 -25.89 -0.74 -22.11
C PHE A 308 -26.97 -1.72 -21.75
N ALA A 309 -28.22 -1.29 -21.80
CA ALA A 309 -29.39 -2.16 -21.49
C ALA A 309 -30.56 -1.98 -22.48
N GLU A 310 -30.92 -0.74 -22.78
CA GLU A 310 -32.03 -0.46 -23.63
C GLU A 310 -31.68 -0.64 -25.13
N ASP A 311 -30.44 -0.32 -25.51
CA ASP A 311 -30.01 -0.39 -26.88
C ASP A 311 -30.17 -1.83 -27.42
N LYS A 312 -30.66 -1.96 -28.63
CA LYS A 312 -30.89 -3.30 -29.24
C LYS A 312 -29.61 -4.00 -29.74
N GLU A 313 -28.52 -3.26 -29.82
CA GLU A 313 -27.28 -3.68 -30.45
C GLU A 313 -26.21 -4.01 -29.42
N VAL A 314 -26.59 -4.15 -28.15
CA VAL A 314 -25.57 -4.40 -27.11
C VAL A 314 -24.71 -5.60 -27.51
N CYS A 315 -25.36 -6.71 -27.87
CA CYS A 315 -24.64 -7.94 -28.26
C CYS A 315 -23.71 -7.77 -29.43
N LYS A 316 -24.15 -7.05 -30.44
CA LYS A 316 -23.27 -6.86 -31.55
C LYS A 316 -22.05 -6.04 -31.11
N ASN A 317 -22.28 -4.96 -30.37
CA ASN A 317 -21.16 -4.11 -29.95
C ASN A 317 -20.23 -4.85 -29.07
N TYR A 318 -20.79 -5.66 -28.15
CA TYR A 318 -19.98 -6.45 -27.28
C TYR A 318 -19.19 -7.43 -28.14
N GLN A 319 -19.87 -8.18 -29.00
CA GLN A 319 -19.18 -9.20 -29.79
C GLN A 319 -18.06 -8.65 -30.68
N GLU A 320 -18.25 -7.50 -31.31
CA GLU A 320 -17.21 -6.87 -32.14
C GLU A 320 -15.96 -6.43 -31.43
N ALA A 321 -16.05 -5.80 -30.25
CA ALA A 321 -14.84 -5.66 -29.40
C ALA A 321 -15.23 -5.66 -27.93
N LYS A 322 -15.01 -6.80 -27.28
CA LYS A 322 -15.47 -7.04 -25.94
C LYS A 322 -14.75 -6.14 -24.98
N ASP A 323 -13.45 -6.00 -25.20
CA ASP A 323 -12.57 -5.31 -24.31
C ASP A 323 -12.86 -3.82 -24.32
N VAL A 324 -12.96 -3.25 -25.50
CA VAL A 324 -13.34 -1.87 -25.71
C VAL A 324 -14.75 -1.58 -25.17
N PHE A 325 -15.66 -2.46 -25.50
CA PHE A 325 -17.01 -2.24 -25.06
C PHE A 325 -17.11 -2.27 -23.52
N LEU A 326 -16.36 -3.16 -22.88
CA LEU A 326 -16.37 -3.28 -21.43
C LEU A 326 -15.54 -2.17 -20.75
N GLY A 327 -14.47 -1.74 -21.40
CA GLY A 327 -13.64 -0.62 -20.89
C GLY A 327 -14.57 0.59 -20.87
N SER A 328 -15.29 0.73 -21.94
CA SER A 328 -16.17 1.85 -22.09
C SER A 328 -17.32 1.79 -21.03
N PHE A 329 -17.91 0.60 -20.80
CA PHE A 329 -18.88 0.45 -19.72
C PHE A 329 -18.27 0.89 -18.36
N LEU A 330 -17.00 0.48 -18.12
CA LEU A 330 -16.34 0.81 -16.89
C LEU A 330 -16.16 2.34 -16.80
N TYR A 331 -15.73 2.97 -17.89
CA TYR A 331 -15.56 4.44 -17.86
C TYR A 331 -16.88 5.13 -17.62
N GLU A 332 -17.91 4.68 -18.32
CA GLU A 332 -19.21 5.36 -18.24
C GLU A 332 -19.81 5.19 -16.85
N TYR A 333 -19.67 4.00 -16.28
CA TYR A 333 -20.20 3.77 -14.94
C TYR A 333 -19.38 4.52 -13.89
N SER A 334 -18.04 4.48 -13.99
CA SER A 334 -17.24 5.17 -12.99
C SER A 334 -17.46 6.69 -12.91
N ARG A 335 -17.49 7.36 -14.08
CA ARG A 335 -17.58 8.80 -14.15
C ARG A 335 -18.89 9.23 -13.54
N ARG A 336 -19.92 8.40 -13.61
CA ARG A 336 -21.18 8.75 -13.04
C ARG A 336 -21.30 8.40 -11.54
N HIS A 337 -20.42 7.54 -10.97
CA HIS A 337 -20.64 7.12 -9.61
C HIS A 337 -19.39 7.33 -8.80
N PRO A 338 -19.04 8.60 -8.46
CA PRO A 338 -17.91 8.79 -7.53
C PRO A 338 -18.12 8.17 -6.15
N GLU A 339 -19.35 7.83 -5.81
CA GLU A 339 -19.62 7.26 -4.47
C GLU A 339 -19.38 5.77 -4.45
N TYR A 340 -19.14 5.10 -5.59
CA TYR A 340 -18.80 3.65 -5.56
C TYR A 340 -17.29 3.45 -5.48
N ALA A 341 -16.87 2.41 -4.79
CA ALA A 341 -15.45 2.05 -4.78
C ALA A 341 -14.98 1.57 -6.16
N VAL A 342 -13.71 1.87 -6.47
CA VAL A 342 -13.09 1.34 -7.64
C VAL A 342 -13.29 -0.16 -7.77
N SER A 343 -13.04 -0.90 -6.69
CA SER A 343 -13.12 -2.36 -6.83
C SER A 343 -14.56 -2.80 -7.03
N VAL A 344 -15.51 -1.99 -6.52
CA VAL A 344 -16.92 -2.36 -6.75
C VAL A 344 -17.27 -2.12 -8.25
N LEU A 345 -16.76 -1.06 -8.84
CA LEU A 345 -17.00 -0.71 -10.21
C LEU A 345 -16.36 -1.81 -11.07
N LEU A 346 -15.21 -2.31 -10.64
CA LEU A 346 -14.63 -3.37 -11.48
C LEU A 346 -15.48 -4.63 -11.35
N ARG A 347 -15.96 -4.93 -10.16
CA ARG A 347 -16.91 -6.03 -10.01
C ARG A 347 -18.15 -5.90 -10.88
N LEU A 348 -18.67 -4.67 -10.91
CA LEU A 348 -19.83 -4.40 -11.73
C LEU A 348 -19.53 -4.69 -13.21
N ALA A 349 -18.38 -4.22 -13.71
CA ALA A 349 -17.97 -4.50 -15.07
C ALA A 349 -17.89 -6.04 -15.25
N LYS A 350 -17.21 -6.75 -14.35
CA LYS A 350 -17.13 -8.20 -14.48
C LYS A 350 -18.49 -8.90 -14.53
N GLU A 351 -19.40 -8.52 -13.66
CA GLU A 351 -20.70 -9.13 -13.73
C GLU A 351 -21.46 -8.74 -15.02
N TYR A 352 -21.22 -7.54 -15.55
CA TYR A 352 -21.90 -7.09 -16.73
C TYR A 352 -21.41 -7.97 -17.86
N GLU A 353 -20.11 -8.17 -17.88
CA GLU A 353 -19.55 -9.15 -18.80
C GLU A 353 -20.21 -10.57 -18.76
N ALA A 354 -20.30 -11.14 -17.55
CA ALA A 354 -20.83 -12.46 -17.36
C ALA A 354 -22.29 -12.46 -17.81
N THR A 355 -22.99 -11.38 -17.55
CA THR A 355 -24.34 -11.26 -18.05
C THR A 355 -24.41 -11.28 -19.58
N LEU A 356 -23.55 -10.57 -20.30
CA LEU A 356 -23.75 -10.56 -21.74
C LEU A 356 -23.26 -11.90 -22.34
N GLU A 357 -22.30 -12.52 -21.69
CA GLU A 357 -21.86 -13.87 -22.07
C GLU A 357 -23.07 -14.74 -21.98
N ASP A 358 -23.77 -14.72 -20.87
CA ASP A 358 -24.98 -15.53 -20.77
C ASP A 358 -26.06 -15.04 -21.79
N CYS A 359 -26.36 -13.76 -21.80
CA CYS A 359 -27.46 -13.27 -22.60
C CYS A 359 -27.22 -13.31 -24.12
N CYS A 360 -26.01 -13.10 -24.60
CA CYS A 360 -25.85 -12.94 -26.05
C CYS A 360 -25.93 -14.26 -26.86
N ALA A 361 -25.85 -15.39 -26.16
CA ALA A 361 -26.08 -16.70 -26.78
C ALA A 361 -27.55 -17.05 -26.95
N LYS A 362 -28.42 -16.52 -26.11
CA LYS A 362 -29.87 -16.87 -26.07
C LYS A 362 -30.64 -16.53 -27.34
N GLU A 363 -31.90 -16.99 -27.39
CA GLU A 363 -32.80 -16.78 -28.52
C GLU A 363 -33.09 -15.31 -28.67
N ASP A 364 -33.75 -14.70 -27.66
CA ASP A 364 -33.78 -13.21 -27.58
C ASP A 364 -32.86 -12.57 -26.51
N PRO A 365 -31.68 -12.09 -26.93
CA PRO A 365 -30.75 -11.49 -25.93
C PRO A 365 -31.30 -10.27 -25.19
N HIS A 366 -32.02 -9.38 -25.88
CA HIS A 366 -32.48 -8.09 -25.37
C HIS A 366 -33.38 -8.26 -24.17
N ALA A 367 -34.29 -9.21 -24.25
CA ALA A 367 -35.17 -9.47 -23.13
C ALA A 367 -34.34 -9.88 -21.89
N CYS A 368 -33.28 -10.65 -22.08
CA CYS A 368 -32.47 -11.09 -20.96
C CYS A 368 -31.60 -9.91 -20.43
N TYR A 369 -30.83 -9.22 -21.29
CA TYR A 369 -29.90 -8.17 -20.80
C TYR A 369 -30.54 -6.81 -20.38
N ALA A 370 -31.76 -6.55 -20.80
CA ALA A 370 -32.48 -5.32 -20.49
C ALA A 370 -32.60 -5.07 -19.01
N THR A 371 -32.59 -6.15 -18.21
CA THR A 371 -32.75 -6.06 -16.80
C THR A 371 -31.44 -6.22 -16.02
N VAL A 372 -30.35 -6.15 -16.76
CA VAL A 372 -29.06 -6.32 -16.17
C VAL A 372 -28.80 -5.41 -14.92
N PHE A 373 -29.28 -4.17 -14.89
CA PHE A 373 -28.95 -3.38 -13.69
C PHE A 373 -29.60 -3.88 -12.40
N ASP A 374 -30.71 -4.57 -12.55
CA ASP A 374 -31.32 -5.22 -11.44
C ASP A 374 -30.39 -6.33 -10.96
N LYS A 375 -29.80 -7.07 -11.89
CA LYS A 375 -28.85 -8.13 -11.56
C LYS A 375 -27.57 -7.60 -10.97
N LEU A 376 -27.27 -6.33 -11.17
CA LEU A 376 -26.01 -5.84 -10.65
C LEU A 376 -26.17 -5.31 -9.24
N LYS A 377 -27.41 -5.05 -8.84
CA LYS A 377 -27.72 -4.31 -7.57
C LYS A 377 -26.91 -4.87 -6.40
N HIS A 378 -26.78 -6.19 -6.35
CA HIS A 378 -26.24 -6.88 -5.20
C HIS A 378 -24.79 -6.50 -5.03
N LEU A 379 -24.12 -6.27 -6.16
CA LEU A 379 -22.73 -5.90 -5.99
C LEU A 379 -22.68 -4.52 -5.33
N VAL A 380 -23.77 -3.75 -5.32
CA VAL A 380 -23.67 -2.43 -4.65
C VAL A 380 -24.17 -2.66 -3.24
N ASP A 381 -25.18 -3.52 -3.05
CA ASP A 381 -25.77 -3.69 -1.71
C ASP A 381 -24.82 -4.41 -0.74
N GLU A 382 -23.99 -5.33 -1.25
CA GLU A 382 -23.13 -6.10 -0.36
C GLU A 382 -22.06 -5.17 0.31
N PRO A 383 -21.33 -4.34 -0.46
CA PRO A 383 -20.42 -3.42 0.23
C PRO A 383 -21.12 -2.46 1.18
N GLN A 384 -22.29 -1.99 0.85
CA GLN A 384 -22.95 -1.00 1.75
C GLN A 384 -23.31 -1.66 3.07
N ASN A 385 -23.73 -2.89 2.97
CA ASN A 385 -23.98 -3.68 4.13
C ASN A 385 -22.77 -4.04 4.96
N LEU A 386 -21.68 -4.37 4.27
CA LEU A 386 -20.45 -4.63 4.96
C LEU A 386 -20.17 -3.35 5.83
N ILE A 387 -20.22 -2.15 5.23
CA ILE A 387 -19.91 -0.89 5.90
C ILE A 387 -20.83 -0.64 7.07
N LYS A 388 -22.11 -0.82 6.81
CA LYS A 388 -23.13 -0.61 7.83
C LYS A 388 -22.92 -1.52 9.01
N LYS A 389 -22.77 -2.84 8.79
CA LYS A 389 -22.59 -3.68 10.01
C LYS A 389 -21.23 -3.40 10.65
N ASN A 390 -20.13 -3.26 9.88
CA ASN A 390 -18.88 -3.04 10.57
C ASN A 390 -18.77 -1.67 11.25
N CYS A 391 -19.29 -0.61 10.64
CA CYS A 391 -19.26 0.66 11.31
C CYS A 391 -20.08 0.68 12.58
N GLU A 392 -21.19 -0.03 12.58
CA GLU A 392 -21.98 -0.04 13.79
C GLU A 392 -21.19 -0.80 14.86
N LEU A 393 -20.56 -1.91 14.45
CA LEU A 393 -19.74 -2.61 15.36
C LEU A 393 -18.55 -1.74 15.84
N PHE A 394 -17.95 -1.01 14.93
CA PHE A 394 -16.83 -0.10 15.31
C PHE A 394 -17.32 0.92 16.31
N GLU A 395 -18.47 1.53 16.08
CA GLU A 395 -18.84 2.60 16.98
C GLU A 395 -19.35 2.10 18.28
N LYS A 396 -19.98 0.93 18.29
CA LYS A 396 -20.31 0.33 19.54
C LYS A 396 -19.03 0.07 20.38
N HIS A 397 -17.91 -0.33 19.80
CA HIS A 397 -16.81 -0.77 20.67
C HIS A 397 -15.57 0.07 20.63
N GLY A 398 -15.50 1.03 19.72
CA GLY A 398 -14.27 1.83 19.52
C GLY A 398 -13.20 1.01 18.81
N GLU A 399 -12.07 1.65 18.58
CA GLU A 399 -11.02 1.10 17.79
C GLU A 399 -10.41 -0.20 18.35
N TYR A 400 -9.88 -0.14 19.56
CA TYR A 400 -9.23 -1.30 20.20
C TYR A 400 -10.20 -2.48 20.24
N GLY A 401 -11.41 -2.24 20.74
CA GLY A 401 -12.44 -3.32 20.79
C GLY A 401 -12.75 -3.88 19.37
N PHE A 402 -12.81 -2.98 18.39
CA PHE A 402 -13.07 -3.40 16.99
C PHE A 402 -11.89 -4.17 16.46
N GLN A 403 -10.69 -3.74 16.82
CA GLN A 403 -9.50 -4.54 16.46
C GLN A 403 -9.60 -5.94 17.00
N ASN A 404 -10.07 -6.08 18.25
CA ASN A 404 -10.10 -7.36 18.87
C ASN A 404 -11.11 -8.28 18.23
N ALA A 405 -12.26 -7.73 17.90
CA ALA A 405 -13.30 -8.51 17.17
C ALA A 405 -12.72 -8.95 15.83
N LEU A 406 -11.88 -8.12 15.20
CA LEU A 406 -11.27 -8.56 13.92
C LEU A 406 -10.15 -9.63 14.13
N ILE A 407 -9.46 -9.53 15.25
CA ILE A 407 -8.51 -10.57 15.60
C ILE A 407 -9.19 -11.91 15.69
N VAL A 408 -10.35 -11.93 16.33
CA VAL A 408 -11.10 -13.14 16.48
C VAL A 408 -11.51 -13.67 15.09
N ARG A 409 -12.09 -12.81 14.24
CA ARG A 409 -12.47 -13.20 12.88
C ARG A 409 -11.35 -13.72 12.02
N TYR A 410 -10.26 -12.92 11.92
CA TYR A 410 -9.16 -13.31 11.08
C TYR A 410 -8.38 -14.47 11.59
N THR A 411 -8.28 -14.64 12.90
CA THR A 411 -7.57 -15.83 13.41
C THR A 411 -8.35 -17.05 13.07
N ARG A 412 -9.69 -16.97 13.09
CA ARG A 412 -10.50 -18.11 12.66
C ARG A 412 -10.39 -18.36 11.18
N LYS A 413 -10.41 -17.28 10.38
CA LYS A 413 -10.34 -17.43 8.93
C LYS A 413 -8.98 -18.00 8.46
N ALA A 414 -7.89 -17.61 9.11
CA ALA A 414 -6.55 -17.96 8.59
C ALA A 414 -5.68 -18.31 9.82
N PRO A 415 -6.08 -19.37 10.57
CA PRO A 415 -5.34 -19.51 11.83
C PRO A 415 -3.91 -19.97 11.61
N GLN A 416 -3.55 -20.37 10.39
CA GLN A 416 -2.14 -20.79 10.20
C GLN A 416 -1.21 -19.60 10.12
N VAL A 417 -1.70 -18.39 9.93
CA VAL A 417 -0.82 -17.25 9.74
C VAL A 417 -0.11 -16.94 11.06
N SER A 418 1.13 -16.42 11.02
CA SER A 418 1.91 -16.26 12.19
C SER A 418 1.19 -15.18 13.01
N THR A 419 1.38 -15.23 14.31
CA THR A 419 0.66 -14.38 15.20
C THR A 419 1.00 -12.89 15.01
N PRO A 420 2.29 -12.54 14.82
CA PRO A 420 2.57 -11.12 14.61
C PRO A 420 1.86 -10.60 13.34
N THR A 421 1.77 -11.38 12.29
CA THR A 421 1.10 -10.85 11.12
C THR A 421 -0.40 -10.77 11.42
N LEU A 422 -0.97 -11.75 12.14
CA LEU A 422 -2.40 -11.62 12.32
C LEU A 422 -2.78 -10.43 13.14
N VAL A 423 -1.96 -10.11 14.12
CA VAL A 423 -2.11 -8.91 14.92
C VAL A 423 -1.89 -7.65 14.08
N GLU A 424 -0.78 -7.58 13.37
CA GLU A 424 -0.54 -6.40 12.56
C GLU A 424 -1.72 -6.16 11.57
N ILE A 425 -2.14 -7.21 10.84
CA ILE A 425 -3.22 -7.02 9.84
C ILE A 425 -4.54 -6.64 10.52
N SER A 426 -4.85 -7.30 11.63
CA SER A 426 -6.11 -7.04 12.33
C SER A 426 -6.12 -5.64 12.90
N ARG A 427 -5.01 -5.16 13.46
CA ARG A 427 -5.00 -3.77 13.96
C ARG A 427 -5.22 -2.81 12.79
N SER A 428 -4.60 -3.06 11.63
CA SER A 428 -4.86 -2.13 10.49
C SER A 428 -6.27 -2.25 10.06
N LEU A 429 -6.79 -3.49 10.03
CA LEU A 429 -8.16 -3.57 9.57
C LEU A 429 -9.06 -2.78 10.49
N GLY A 430 -8.77 -2.79 11.81
CA GLY A 430 -9.62 -2.06 12.76
C GLY A 430 -9.59 -0.57 12.55
N LYS A 431 -8.44 -0.09 12.09
CA LYS A 431 -8.26 1.31 11.83
C LYS A 431 -9.07 1.78 10.61
N VAL A 432 -9.56 0.85 9.75
CA VAL A 432 -10.36 1.21 8.62
C VAL A 432 -11.68 1.81 9.16
N GLY A 433 -12.10 1.34 10.33
CA GLY A 433 -13.25 1.99 11.07
C GLY A 433 -12.88 3.42 11.45
N THR A 434 -11.75 3.60 12.05
CA THR A 434 -11.37 4.94 12.41
C THR A 434 -11.25 5.83 11.23
N LYS A 435 -10.77 5.32 10.09
CA LYS A 435 -10.45 6.24 8.97
C LYS A 435 -11.74 6.48 8.16
N CYS A 436 -12.67 5.52 8.09
CA CYS A 436 -13.74 5.66 7.12
C CYS A 436 -15.17 5.78 7.64
N CYS A 437 -15.48 5.27 8.85
CA CYS A 437 -16.91 5.24 9.32
C CYS A 437 -17.55 6.63 9.44
N ALA A 438 -16.74 7.64 9.73
CA ALA A 438 -17.20 9.00 9.93
C ALA A 438 -17.23 9.84 8.64
N LYS A 439 -16.89 9.25 7.49
CA LYS A 439 -16.78 10.06 6.23
C LYS A 439 -18.12 10.37 5.62
N PRO A 440 -18.20 11.37 4.70
CA PRO A 440 -19.45 11.54 3.98
C PRO A 440 -19.94 10.23 3.30
N GLU A 441 -21.24 10.17 3.11
CA GLU A 441 -21.84 9.06 2.51
C GLU A 441 -21.18 8.66 1.16
N SER A 442 -20.75 9.63 0.39
CA SER A 442 -20.30 9.29 -0.94
C SER A 442 -18.80 8.96 -0.92
N GLU A 443 -18.14 9.10 0.23
CA GLU A 443 -16.72 8.76 0.33
C GLU A 443 -16.53 7.42 1.15
N ARG A 444 -17.56 6.97 1.82
CA ARG A 444 -17.42 5.81 2.64
C ARG A 444 -17.09 4.51 1.92
N MET A 445 -17.81 4.17 0.86
CA MET A 445 -17.46 2.94 0.17
C MET A 445 -16.04 3.01 -0.49
N PRO A 446 -15.71 4.11 -1.21
CA PRO A 446 -14.34 4.23 -1.76
C PRO A 446 -13.28 4.14 -0.69
N CYS A 447 -13.48 4.86 0.40
CA CYS A 447 -12.52 4.82 1.56
C CYS A 447 -12.38 3.40 2.10
N THR A 448 -13.48 2.72 2.31
CA THR A 448 -13.41 1.43 2.96
C THR A 448 -12.79 0.37 2.05
N GLU A 449 -13.27 0.25 0.80
CA GLU A 449 -12.72 -0.77 -0.06
C GLU A 449 -11.27 -0.47 -0.40
N ASP A 450 -10.89 0.78 -0.60
CA ASP A 450 -9.46 1.10 -0.86
C ASP A 450 -8.53 0.67 0.28
N TYR A 451 -8.81 1.13 1.53
CA TYR A 451 -7.96 0.73 2.65
C TYR A 451 -8.00 -0.79 2.80
N LEU A 452 -9.16 -1.44 2.69
CA LEU A 452 -9.19 -2.92 2.73
C LEU A 452 -8.24 -3.53 1.69
N SER A 453 -8.25 -3.02 0.46
CA SER A 453 -7.33 -3.54 -0.56
C SER A 453 -5.89 -3.32 -0.16
N LEU A 454 -5.56 -2.17 0.44
CA LEU A 454 -4.16 -1.96 0.83
C LEU A 454 -3.78 -2.98 1.87
N ILE A 455 -4.68 -3.27 2.82
CA ILE A 455 -4.22 -4.08 3.98
C ILE A 455 -4.24 -5.54 3.60
N LEU A 456 -5.23 -5.97 2.85
CA LEU A 456 -5.23 -7.33 2.39
C LEU A 456 -4.06 -7.59 1.43
N ASN A 457 -3.67 -6.57 0.64
CA ASN A 457 -2.49 -6.74 -0.17
C ASN A 457 -1.29 -6.94 0.69
N ARG A 458 -1.19 -6.23 1.79
CA ARG A 458 -0.07 -6.46 2.70
C ARG A 458 -0.06 -7.93 3.22
N LEU A 459 -1.23 -8.45 3.65
CA LEU A 459 -1.31 -9.87 4.07
C LEU A 459 -0.88 -10.76 2.87
N CYS A 460 -1.32 -10.42 1.66
CA CYS A 460 -0.96 -11.26 0.51
C CYS A 460 0.53 -11.26 0.20
N VAL A 461 1.16 -10.10 0.32
CA VAL A 461 2.60 -10.00 0.07
C VAL A 461 3.39 -10.84 1.12
N LEU A 462 3.09 -10.67 2.40
CA LEU A 462 3.74 -11.46 3.45
C LEU A 462 3.50 -12.96 3.24
N HIS A 463 2.28 -13.35 2.89
CA HIS A 463 1.89 -14.75 2.79
C HIS A 463 2.54 -15.39 1.61
N GLU A 464 2.55 -14.72 0.47
CA GLU A 464 3.22 -15.20 -0.71
C GLU A 464 4.67 -15.65 -0.42
N LYS A 465 5.37 -14.98 0.47
CA LYS A 465 6.72 -15.40 0.74
C LYS A 465 6.81 -16.62 1.69
N THR A 466 5.83 -16.84 2.58
CA THR A 466 5.80 -18.07 3.40
C THR A 466 4.38 -18.67 3.48
N PRO A 467 3.90 -19.29 2.39
CA PRO A 467 2.48 -19.68 2.33
C PRO A 467 2.19 -20.76 3.36
N VAL A 468 1.10 -20.64 4.11
CA VAL A 468 0.80 -21.56 5.21
C VAL A 468 -0.68 -21.75 5.20
N SER A 469 -1.45 -20.83 4.61
CA SER A 469 -2.90 -21.14 4.43
C SER A 469 -3.37 -21.24 2.97
N GLU A 470 -3.93 -22.37 2.59
CA GLU A 470 -4.46 -22.54 1.24
C GLU A 470 -5.63 -21.62 1.03
N LYS A 471 -6.34 -21.27 2.07
CA LYS A 471 -7.47 -20.34 1.81
C LYS A 471 -6.93 -18.94 1.61
N VAL A 472 -5.85 -18.55 2.30
CA VAL A 472 -5.32 -17.25 2.04
C VAL A 472 -4.72 -17.21 0.63
N THR A 473 -4.11 -18.31 0.26
CA THR A 473 -3.51 -18.37 -1.09
C THR A 473 -4.60 -18.20 -2.14
N LYS A 474 -5.71 -18.90 -1.92
CA LYS A 474 -6.77 -18.77 -2.89
C LYS A 474 -7.28 -17.29 -2.93
N CYS A 475 -7.59 -16.69 -1.81
CA CYS A 475 -8.16 -15.34 -1.88
C CYS A 475 -7.10 -14.36 -2.39
N CYS A 476 -5.81 -14.60 -2.11
CA CYS A 476 -4.81 -13.63 -2.64
C CYS A 476 -4.64 -13.73 -4.13
N THR A 477 -4.71 -14.95 -4.65
CA THR A 477 -4.30 -15.15 -6.01
C THR A 477 -5.43 -15.28 -7.04
N GLU A 478 -6.66 -15.59 -6.63
CA GLU A 478 -7.70 -15.94 -7.62
C GLU A 478 -8.18 -14.70 -8.40
N SER A 479 -8.19 -13.53 -7.78
CA SER A 479 -8.81 -12.35 -8.42
C SER A 479 -8.43 -11.20 -7.58
N LEU A 480 -7.78 -10.23 -8.16
CA LEU A 480 -7.46 -9.04 -7.45
C LEU A 480 -8.73 -8.31 -6.97
N VAL A 481 -9.69 -8.18 -7.85
CA VAL A 481 -10.85 -7.44 -7.63
C VAL A 481 -11.77 -8.06 -6.57
N ASN A 482 -11.75 -9.39 -6.46
CA ASN A 482 -12.62 -10.08 -5.52
C ASN A 482 -11.90 -10.45 -4.25
N ARG A 483 -10.71 -9.89 -4.04
CA ARG A 483 -9.95 -10.22 -2.86
C ARG A 483 -10.76 -9.95 -1.61
N ARG A 484 -11.34 -8.75 -1.55
CA ARG A 484 -11.96 -8.29 -0.34
C ARG A 484 -13.20 -9.21 -0.06
N PRO A 485 -14.12 -9.35 -1.05
CA PRO A 485 -15.25 -10.25 -0.77
C PRO A 485 -14.78 -11.70 -0.56
N CYS A 486 -13.64 -12.10 -1.12
CA CYS A 486 -13.25 -13.50 -0.89
C CYS A 486 -12.81 -13.67 0.60
N PHE A 487 -12.03 -12.73 1.13
CA PHE A 487 -11.65 -12.75 2.54
C PHE A 487 -12.86 -12.58 3.47
N SER A 488 -13.77 -11.68 3.08
CA SER A 488 -15.01 -11.45 3.82
C SER A 488 -15.87 -12.69 4.02
N ASP A 489 -15.87 -13.60 3.05
CA ASP A 489 -16.73 -14.76 3.09
C ASP A 489 -16.13 -15.90 3.84
N LEU A 490 -14.81 -15.89 4.01
CA LEU A 490 -14.17 -17.00 4.71
C LEU A 490 -14.81 -17.13 6.07
N THR A 491 -14.96 -18.38 6.46
CA THR A 491 -15.47 -18.70 7.81
C THR A 491 -14.32 -19.41 8.53
N LEU A 492 -14.60 -19.96 9.69
CA LEU A 492 -13.60 -20.68 10.43
C LEU A 492 -12.97 -21.75 9.53
N ASP A 493 -11.66 -21.79 9.47
CA ASP A 493 -11.03 -22.76 8.62
C ASP A 493 -11.19 -24.16 9.27
N GLU A 494 -12.00 -25.00 8.65
CA GLU A 494 -12.34 -26.29 9.25
C GLU A 494 -11.26 -27.32 9.04
N THR A 495 -10.18 -27.03 8.30
CA THR A 495 -9.12 -27.99 8.03
C THR A 495 -7.98 -27.73 9.01
N TYR A 496 -8.11 -26.70 9.83
CA TYR A 496 -7.06 -26.33 10.72
C TYR A 496 -7.00 -27.24 11.93
N VAL A 497 -5.80 -27.61 12.37
CA VAL A 497 -5.60 -28.43 13.55
C VAL A 497 -5.09 -27.53 14.71
N PRO A 498 -5.87 -27.41 15.78
CA PRO A 498 -5.42 -26.48 16.85
C PRO A 498 -4.00 -26.81 17.41
N LYS A 499 -3.26 -25.80 17.85
CA LYS A 499 -2.00 -26.00 18.52
C LYS A 499 -2.21 -26.15 20.04
N PRO A 500 -1.24 -26.73 20.77
CA PRO A 500 -1.34 -26.73 22.26
C PRO A 500 -1.30 -25.27 22.79
N PHE A 501 -1.75 -25.07 24.01
CA PHE A 501 -1.82 -23.76 24.56
C PHE A 501 -0.37 -23.22 24.71
N ASP A 502 -0.09 -22.03 24.21
CA ASP A 502 1.30 -21.55 24.18
C ASP A 502 1.50 -20.54 25.30
N GLU A 503 1.90 -21.05 26.46
CA GLU A 503 1.87 -20.32 27.73
C GLU A 503 2.70 -19.10 27.74
N LYS A 504 3.80 -19.11 27.02
CA LYS A 504 4.75 -17.97 27.09
C LYS A 504 4.01 -16.65 26.84
N PHE A 505 2.98 -16.68 26.01
CA PHE A 505 2.24 -15.46 25.71
C PHE A 505 1.35 -14.99 26.87
N PHE A 506 1.28 -15.78 27.97
CA PHE A 506 0.49 -15.42 29.14
C PHE A 506 1.35 -15.34 30.36
N THR A 507 2.66 -15.09 30.17
CA THR A 507 3.66 -15.09 31.26
C THR A 507 4.52 -13.90 30.96
N PHE A 508 4.92 -13.13 31.95
CA PHE A 508 5.65 -11.89 31.65
C PHE A 508 6.76 -11.60 32.63
N HIS A 509 7.58 -10.63 32.26
CA HIS A 509 8.54 -10.02 33.14
C HIS A 509 8.03 -8.61 33.56
N ALA A 510 8.64 -8.07 34.62
CA ALA A 510 8.25 -6.82 35.25
C ALA A 510 8.26 -5.67 34.26
N ASP A 511 9.10 -5.73 33.24
CA ASP A 511 9.12 -4.64 32.24
C ASP A 511 7.88 -4.52 31.33
N ILE A 512 6.90 -5.40 31.47
CA ILE A 512 5.63 -5.18 30.80
C ILE A 512 4.96 -3.92 31.34
N CYS A 513 5.23 -3.58 32.59
CA CYS A 513 4.61 -2.45 33.27
C CYS A 513 5.00 -1.12 32.63
N THR A 514 6.17 -1.02 32.07
CA THR A 514 6.52 0.29 31.59
C THR A 514 6.39 0.42 30.11
N LEU A 515 5.81 -0.60 29.45
CA LEU A 515 5.63 -0.54 27.99
C LEU A 515 4.70 0.61 27.64
N PRO A 516 5.02 1.34 26.55
CA PRO A 516 4.02 2.24 25.92
C PRO A 516 2.68 1.52 25.67
N ASP A 517 1.57 2.24 25.72
CA ASP A 517 0.22 1.70 25.63
C ASP A 517 0.02 0.85 24.43
N THR A 518 0.58 1.28 23.32
CA THR A 518 0.43 0.54 22.08
C THR A 518 0.98 -0.88 22.20
N GLU A 519 2.15 -0.97 22.81
CA GLU A 519 2.87 -2.23 22.97
C GLU A 519 2.11 -3.15 23.93
N LYS A 520 1.51 -2.56 24.95
CA LYS A 520 0.70 -3.24 25.92
C LYS A 520 -0.49 -3.82 25.19
N GLN A 521 -1.15 -3.06 24.30
CA GLN A 521 -2.30 -3.64 23.55
C GLN A 521 -1.86 -4.78 22.64
N ILE A 522 -0.70 -4.61 22.01
CA ILE A 522 -0.17 -5.60 21.10
C ILE A 522 0.11 -6.90 21.91
N LYS A 523 0.60 -6.77 23.14
CA LYS A 523 0.71 -7.92 24.07
C LYS A 523 -0.56 -8.63 24.31
N LYS A 524 -1.66 -7.89 24.62
CA LYS A 524 -2.96 -8.52 24.82
C LYS A 524 -3.49 -9.11 23.53
N GLN A 525 -3.22 -8.44 22.42
CA GLN A 525 -3.78 -8.93 21.13
C GLN A 525 -3.07 -10.19 20.68
N THR A 526 -1.77 -10.25 20.97
CA THR A 526 -0.97 -11.44 20.70
C THR A 526 -1.58 -12.60 21.51
N ALA A 527 -1.89 -12.33 22.79
CA ALA A 527 -2.41 -13.36 23.67
C ALA A 527 -3.74 -13.84 23.08
N LEU A 528 -4.55 -12.88 22.60
CA LEU A 528 -5.90 -13.20 22.08
C LEU A 528 -5.78 -14.12 20.87
N VAL A 529 -4.90 -13.76 19.97
CA VAL A 529 -4.67 -14.64 18.78
C VAL A 529 -4.28 -16.08 19.23
N GLU A 530 -3.44 -16.12 20.23
CA GLU A 530 -2.91 -17.41 20.69
C GLU A 530 -4.03 -18.22 21.39
N LEU A 531 -4.96 -17.55 22.11
CA LEU A 531 -6.13 -18.26 22.62
C LEU A 531 -6.88 -18.96 21.49
N LEU A 532 -7.14 -18.21 20.45
CA LEU A 532 -7.90 -18.74 19.32
C LEU A 532 -7.20 -19.83 18.51
N LYS A 533 -5.88 -19.73 18.35
CA LYS A 533 -5.13 -20.81 17.69
C LYS A 533 -5.26 -22.12 18.48
N HIS A 534 -5.35 -21.99 19.82
CA HIS A 534 -5.46 -23.15 20.69
C HIS A 534 -6.94 -23.68 20.73
N LYS A 535 -7.93 -22.77 20.79
CA LYS A 535 -9.34 -23.11 20.86
C LYS A 535 -10.10 -22.16 19.92
N PRO A 536 -10.09 -22.49 18.64
CA PRO A 536 -10.72 -21.61 17.66
C PRO A 536 -12.21 -21.47 17.88
N LYS A 537 -12.85 -22.38 18.61
CA LYS A 537 -14.28 -22.25 18.89
C LYS A 537 -14.60 -21.75 20.26
N ALA A 538 -13.64 -21.24 21.01
CA ALA A 538 -13.94 -20.53 22.22
C ALA A 538 -15.09 -19.58 22.05
N THR A 539 -15.89 -19.42 23.10
CA THR A 539 -17.09 -18.60 23.04
C THR A 539 -16.65 -17.19 23.36
N ASP A 540 -17.46 -16.22 22.98
CA ASP A 540 -17.21 -14.83 23.36
C ASP A 540 -16.99 -14.69 24.87
N GLU A 541 -17.81 -15.35 25.67
CA GLU A 541 -17.71 -15.26 27.14
C GLU A 541 -16.37 -15.86 27.60
N GLN A 542 -15.98 -17.01 27.06
CA GLN A 542 -14.69 -17.53 27.53
C GLN A 542 -13.61 -16.57 27.11
N LEU A 543 -13.68 -15.98 25.89
CA LEU A 543 -12.57 -15.11 25.46
C LEU A 543 -12.56 -13.90 26.39
N LYS A 544 -13.74 -13.37 26.73
CA LYS A 544 -13.81 -12.20 27.58
C LYS A 544 -13.33 -12.53 28.95
N THR A 545 -13.73 -13.68 29.48
CA THR A 545 -13.27 -14.05 30.80
C THR A 545 -11.73 -14.13 30.84
N VAL A 546 -11.12 -14.81 29.86
CA VAL A 546 -9.64 -14.95 29.88
C VAL A 546 -8.97 -13.57 29.84
N MET A 547 -9.41 -12.69 28.95
CA MET A 547 -8.70 -11.39 28.79
C MET A 547 -8.86 -10.45 29.99
N GLU A 548 -10.04 -10.46 30.56
CA GLU A 548 -10.22 -9.79 31.81
C GLU A 548 -9.33 -10.36 32.90
N ASN A 549 -9.21 -11.67 33.00
CA ASN A 549 -8.26 -12.22 33.96
C ASN A 549 -6.82 -11.78 33.70
N PHE A 550 -6.51 -11.68 32.43
CA PHE A 550 -5.18 -11.31 31.97
C PHE A 550 -4.89 -9.90 32.45
N VAL A 551 -5.80 -8.97 32.20
CA VAL A 551 -5.52 -7.56 32.49
C VAL A 551 -5.45 -7.43 34.02
N ALA A 552 -6.40 -8.06 34.71
CA ALA A 552 -6.40 -8.03 36.20
C ALA A 552 -5.07 -8.55 36.75
N PHE A 553 -4.57 -9.64 36.17
CA PHE A 553 -3.28 -10.16 36.63
C PHE A 553 -2.10 -9.21 36.39
N VAL A 554 -2.05 -8.63 35.19
CA VAL A 554 -0.99 -7.69 34.86
C VAL A 554 -1.06 -6.48 35.83
N ASP A 555 -2.26 -5.90 36.00
CA ASP A 555 -2.49 -4.81 36.99
C ASP A 555 -1.98 -5.19 38.36
N LYS A 556 -2.40 -6.38 38.80
CA LYS A 556 -2.00 -6.82 40.12
C LYS A 556 -0.47 -6.83 40.26
N CYS A 557 0.26 -7.41 39.29
CA CYS A 557 1.69 -7.57 39.49
C CYS A 557 2.43 -6.24 39.32
N CYS A 558 1.98 -5.43 38.38
CA CYS A 558 2.49 -4.07 38.27
C CYS A 558 2.24 -3.25 39.55
N ALA A 559 1.23 -3.58 40.36
CA ALA A 559 1.04 -2.89 41.67
C ALA A 559 1.94 -3.44 42.76
N ALA A 560 2.48 -4.64 42.57
CA ALA A 560 3.18 -5.33 43.66
C ALA A 560 4.43 -4.60 44.14
N ASP A 561 4.91 -4.93 45.35
CA ASP A 561 6.17 -4.35 45.88
C ASP A 561 7.36 -4.86 45.07
N ASP A 562 7.33 -6.15 44.79
CA ASP A 562 8.34 -6.81 44.00
C ASP A 562 7.66 -7.26 42.69
N LYS A 563 7.83 -6.50 41.61
CA LYS A 563 7.01 -6.79 40.41
C LYS A 563 7.48 -8.10 39.77
N GLU A 564 8.80 -8.23 39.59
CA GLU A 564 9.30 -9.42 38.91
C GLU A 564 8.90 -10.63 39.74
N GLY A 565 9.09 -10.56 41.06
CA GLY A 565 8.65 -11.63 41.95
C GLY A 565 7.21 -12.05 41.77
N CYS A 566 6.30 -11.07 41.64
CA CYS A 566 4.88 -11.42 41.53
C CYS A 566 4.63 -12.09 40.15
N PHE A 567 5.19 -11.51 39.08
CA PHE A 567 5.00 -12.09 37.73
C PHE A 567 5.50 -13.52 37.65
N VAL A 568 6.68 -13.78 38.20
CA VAL A 568 7.30 -15.09 38.11
C VAL A 568 6.55 -16.10 39.02
N LEU A 569 6.35 -15.76 40.30
CA LEU A 569 5.75 -16.71 41.25
C LEU A 569 4.24 -16.83 41.11
N GLU A 570 3.54 -15.79 40.73
CA GLU A 570 2.11 -15.91 40.61
C GLU A 570 1.72 -16.28 39.17
N GLY A 571 2.64 -16.08 38.23
CA GLY A 571 2.29 -16.23 36.84
C GLY A 571 1.63 -17.56 36.50
N PRO A 572 2.08 -18.66 37.13
CA PRO A 572 1.39 -19.96 36.86
C PRO A 572 -0.12 -19.99 37.13
N LYS A 573 -0.63 -19.07 37.94
CA LYS A 573 -2.04 -19.07 38.24
C LYS A 573 -2.85 -18.58 37.08
N LEU A 574 -2.35 -17.56 36.36
CA LEU A 574 -3.02 -17.02 35.18
C LEU A 574 -3.05 -18.13 34.14
N VAL A 575 -1.91 -18.80 33.96
CA VAL A 575 -1.83 -19.91 33.03
C VAL A 575 -2.94 -20.94 33.43
N ALA A 576 -3.06 -21.26 34.70
CA ALA A 576 -3.99 -22.33 35.13
C ALA A 576 -5.39 -21.82 34.99
N SER A 577 -5.64 -20.56 35.37
CA SER A 577 -7.02 -20.14 35.31
C SER A 577 -7.43 -19.99 33.84
N THR A 578 -6.47 -19.62 32.96
CA THR A 578 -6.83 -19.46 31.56
C THR A 578 -7.27 -20.79 30.97
N GLN A 579 -6.53 -21.84 31.23
CA GLN A 579 -6.92 -23.18 30.81
C GLN A 579 -8.25 -23.67 31.43
N ALA A 580 -8.51 -23.31 32.70
CA ALA A 580 -9.77 -23.68 33.34
C ALA A 580 -10.93 -22.99 32.64
N ALA A 581 -10.76 -21.70 32.37
CA ALA A 581 -11.78 -20.96 31.61
C ALA A 581 -12.09 -21.51 30.20
N LEU A 582 -11.15 -22.20 29.56
CA LEU A 582 -11.42 -22.70 28.19
C LEU A 582 -12.08 -24.08 28.19
N ALA A 583 -12.11 -24.73 29.33
CA ALA A 583 -12.96 -25.92 29.50
C ALA A 583 -14.49 -25.62 29.28
C DIU B . 0.63 9.43 -9.19
O1 DIU B . 1.75 9.91 -8.82
O2 DIU B . 0.12 8.27 -8.93
O3 DIU B . -2.47 9.46 -9.93
C1 DIU B . -0.03 10.33 -10.16
C2 DIU B . -1.46 10.26 -10.45
C3 DIU B . -1.89 11.12 -11.41
C4 DIU B . -1.02 11.95 -12.00
C5 DIU B . 0.31 12.05 -11.70
C6 DIU B . 0.90 11.25 -10.77
I1 DIU B . -3.91 11.17 -11.99
I2 DIU B . 1.43 13.45 -12.74
C DIU C . -3.80 3.63 -7.41
O1 DIU C . -3.54 3.70 -8.65
O2 DIU C . -3.77 4.61 -6.63
O3 DIU C . -5.03 3.53 -4.94
C1 DIU C . -4.28 2.35 -6.83
C2 DIU C . -4.92 2.33 -5.58
C3 DIU C . -5.42 1.08 -5.07
C4 DIU C . -5.20 -0.08 -5.86
C5 DIU C . -4.53 -0.04 -7.10
C6 DIU C . -4.09 1.19 -7.59
I1 DIU C . -6.46 0.94 -3.16
I2 DIU C . -4.23 -1.85 -8.22
C1 SIN D . -14.46 -8.86 7.35
O1 SIN D . -13.55 -9.40 6.71
O2 SIN D . -15.16 -9.57 8.13
C2 SIN D . -14.73 -7.35 7.12
C3 SIN D . -13.59 -6.43 7.57
C4 SIN D . -14.03 -4.97 7.82
O3 SIN D . -13.25 -4.07 8.27
O4 SIN D . -15.22 -4.68 7.54
C1 SIN E . -2.29 1.34 6.30
O1 SIN E . -1.50 2.31 6.14
O2 SIN E . -3.47 1.48 6.74
C2 SIN E . -1.80 -0.02 5.93
C3 SIN E . -0.48 -0.25 6.64
C4 SIN E . -0.07 -1.71 6.53
O3 SIN E . 0.98 -1.99 5.94
O4 SIN E . -0.80 -2.58 7.04
C1 SIN F . 8.32 3.74 8.92
O1 SIN F . 8.23 2.61 8.36
O2 SIN F . 7.76 3.98 10.02
C2 SIN F . 9.13 4.86 8.27
C3 SIN F . 8.27 6.12 8.34
C4 SIN F . 8.96 7.35 8.91
O3 SIN F . 9.85 7.26 9.78
O4 SIN F . 8.60 8.48 8.50
C1 MLI G . -26.48 2.58 -12.13
C2 MLI G . -26.40 2.61 -10.59
C3 MLI G . -26.93 3.83 -12.93
O6 MLI G . -25.67 1.82 -9.90
O7 MLI G . -27.07 3.46 -10.00
O8 MLI G . -26.25 4.91 -12.96
O9 MLI G . -27.96 3.78 -13.67
C1 MLI H . -9.14 -10.47 -12.80
C2 MLI H . -7.78 -10.72 -12.20
C3 MLI H . -9.92 -10.18 -11.54
O6 MLI H . -7.36 -11.89 -11.98
O7 MLI H . -7.12 -9.70 -11.91
O8 MLI H . -9.50 -9.20 -10.81
O9 MLI H . -10.89 -10.95 -11.27
C ACT I . 10.51 -2.80 8.71
O ACT I . 11.48 -2.26 9.42
OXT ACT I . 10.21 -4.06 8.80
CH3 ACT I . 9.63 -1.96 7.75
C ACT J . 17.38 3.82 -12.27
O ACT J . 17.36 3.04 -13.29
OXT ACT J . 16.82 4.92 -12.35
CH3 ACT J . 18.08 3.50 -10.95
C ACT K . 2.74 -15.05 7.83
O ACT K . 2.44 -16.07 8.46
OXT ACT K . 3.14 -14.06 8.45
CH3 ACT K . 2.63 -15.03 6.32
C FMT L . -15.72 -1.12 7.66
O1 FMT L . -14.77 -1.87 7.88
O2 FMT L . -15.52 0.19 7.82
C1 LMR M . -14.90 -8.43 21.54
O1A LMR M . -14.54 -7.43 22.23
O1B LMR M . -15.53 -8.17 20.48
C2 LMR M . -14.67 -9.90 21.94
O2 LMR M . -15.01 -10.71 20.82
C3 LMR M . -13.26 -10.41 22.29
C4 LMR M . -12.42 -9.51 23.21
O4A LMR M . -12.07 -8.41 22.75
O4B LMR M . -12.07 -9.86 24.35
C1 LMR N . 16.61 11.12 9.89
O1A LMR N . 17.12 10.16 10.50
O1B LMR N . 17.27 12.11 9.55
C2 LMR N . 15.16 11.07 9.55
O2 LMR N . 14.72 9.80 10.04
C3 LMR N . 14.41 12.27 10.21
C4 LMR N . 12.87 12.28 10.30
O4A LMR N . 12.26 13.18 9.65
O4B LMR N . 12.26 11.42 11.03
OH 2Q5 O . 16.54 20.06 -0.30
C2 2Q5 O . 15.29 19.37 -0.10
C1 2Q5 O . 14.56 20.02 1.09
C3 2Q5 O . 15.52 17.86 0.05
O2 2Q5 O . 16.41 17.38 -0.96
C5 2Q5 O . 16.36 15.99 -1.28
C6 2Q5 O . 15.20 15.80 -2.23
C4 2Q5 O . 17.65 15.49 -1.94
O3 2Q5 O . 18.61 15.10 -0.94
C7 2Q5 O . 20.00 14.92 -1.35
C9 2Q5 O . 20.24 15.23 -2.83
C8 2Q5 O . 20.57 13.54 -0.96
O4 2Q5 O . 21.87 13.13 -1.48
C11 2Q5 O . 23.10 13.71 -0.95
C12 2Q5 O . 24.32 13.23 -1.74
C10 2Q5 O . 23.38 13.47 0.54
O5 2Q5 O . 24.59 14.12 1.02
OH 2Q5 P . -8.75 0.11 -23.58
C2 2Q5 P . -9.38 -1.09 -23.14
C1 2Q5 P . -10.53 -1.13 -24.09
C3 2Q5 P . -9.79 -0.94 -21.67
O2 2Q5 P . -10.15 -2.20 -21.06
C5 2Q5 P . -9.89 -2.42 -19.63
C6 2Q5 P . -9.14 -1.24 -19.01
C4 2Q5 P . -11.14 -2.71 -18.78
O3 2Q5 P . -11.52 -4.08 -18.78
C7 2Q5 P . -12.72 -4.44 -18.04
C9 2Q5 P . -12.94 -3.59 -16.79
C8 2Q5 P . -12.77 -5.91 -17.64
O4 2Q5 P . -12.68 -6.14 -16.22
C11 2Q5 P . -11.35 -6.14 -15.61
C12 2Q5 P . -10.06 -6.47 -16.45
C10 2Q5 P . -11.42 -7.10 -14.46
O5 2Q5 P . -10.19 -6.74 -13.87
#